data_8IJ6
#
_entry.id   8IJ6
#
_cell.length_a   106.830
_cell.length_b   109.590
_cell.length_c   215.768
_cell.angle_alpha   90.00
_cell.angle_beta   90.00
_cell.angle_gamma   90.00
#
_symmetry.space_group_name_H-M   'C 2 2 21'
#
loop_
_entity.id
_entity.type
_entity.pdbx_description
1 polymer 'Putative short-chain dehydrogenases/reductase family protein'
2 non-polymer 'NADP NICOTINAMIDE-ADENINE-DINUCLEOTIDE PHOSPHATE'
3 water water
#
_entity_poly.entity_id   1
_entity_poly.type   'polypeptide(L)'
_entity_poly.pdbx_seq_one_letter_code
;MSKRLEGKVALVTGGTSGIGLATAKDLAAQGARVIITGRRQAELDQAVAALGQGVRGVRSDVTRSADLDALFETIRATEG
RLDVLFTNAGGGSMAALGEISEQHFDDTFERNVKAVVFTVQKALPLMPQGASIILNGSIAGSTGTQAFSIYGASKAAVRA
LARSWVLDLKERGIRVNVVSPGSTRTIGLAELGGDTQEGQDGLLAYLASLVPIGRLADPSEIAKVVSFLASDDSSFINGA
EITADGGQAQV
;
_entity_poly.pdbx_strand_id   A,B,C,D
#
loop_
_chem_comp.id
_chem_comp.type
_chem_comp.name
_chem_comp.formula
NAP non-polymer 'NADP NICOTINAMIDE-ADENINE-DINUCLEOTIDE PHOSPHATE' 'C21 H28 N7 O17 P3'
#
# COMPACT_ATOMS: atom_id res chain seq x y z
N LYS A 3 7.79 22.15 26.05
CA LYS A 3 7.13 23.18 25.20
C LYS A 3 5.89 22.58 24.51
N ARG A 4 6.07 21.78 23.45
CA ARG A 4 4.89 21.28 22.72
C ARG A 4 4.04 20.36 23.57
N LEU A 5 4.63 19.59 24.46
CA LEU A 5 3.83 18.67 25.24
C LEU A 5 3.57 19.19 26.65
N GLU A 6 3.78 20.48 26.87
CA GLU A 6 3.64 21.03 28.22
C GLU A 6 2.27 20.75 28.80
N GLY A 7 2.25 20.16 29.99
CA GLY A 7 1.01 19.86 30.68
C GLY A 7 0.33 18.59 30.24
N LYS A 8 0.88 17.88 29.25
CA LYS A 8 0.19 16.70 28.72
C LYS A 8 0.64 15.49 29.52
N VAL A 9 -0.30 14.59 29.77
CA VAL A 9 -0.06 13.35 30.49
C VAL A 9 0.09 12.23 29.46
N ALA A 10 1.26 11.59 29.44
CA ALA A 10 1.60 10.56 28.46
C ALA A 10 1.86 9.24 29.18
N LEU A 11 1.35 8.16 28.61
CA LEU A 11 1.65 6.82 29.10
C LEU A 11 2.42 6.05 28.04
N VAL A 12 3.55 5.48 28.43
CA VAL A 12 4.36 4.64 27.56
C VAL A 12 4.41 3.27 28.20
N THR A 13 3.70 2.30 27.62
CA THR A 13 3.87 0.95 28.12
C THR A 13 5.21 0.41 27.64
N GLY A 14 5.89 -0.29 28.53
CA GLY A 14 7.20 -0.83 28.20
C GLY A 14 8.19 0.27 27.94
N GLY A 15 8.28 1.21 28.89
CA GLY A 15 9.15 2.35 28.74
C GLY A 15 10.47 2.23 29.49
N THR A 16 10.88 1.03 29.87
CA THR A 16 12.11 0.87 30.65
C THR A 16 13.32 0.50 29.80
N SER A 17 13.15 0.35 28.48
CA SER A 17 14.24 0.01 27.58
C SER A 17 13.98 0.56 26.18
N GLY A 18 15.04 0.73 25.40
CA GLY A 18 14.93 0.90 23.95
C GLY A 18 14.09 2.09 23.50
N ILE A 19 13.15 1.83 22.57
CA ILE A 19 12.32 2.89 22.00
C ILE A 19 11.40 3.47 23.07
N GLY A 20 10.78 2.61 23.89
CA GLY A 20 9.96 3.12 24.97
C GLY A 20 10.70 4.06 25.91
N LEU A 21 11.94 3.69 26.26
CA LEU A 21 12.73 4.52 27.16
C LEU A 21 13.09 5.85 26.52
N ALA A 22 13.64 5.80 25.30
CA ALA A 22 13.99 7.02 24.59
C ALA A 22 12.76 7.91 24.40
N THR A 23 11.60 7.30 24.10
CA THR A 23 10.39 8.09 23.91
C THR A 23 9.96 8.80 25.19
N ALA A 24 10.02 8.07 26.32
CA ALA A 24 9.71 8.67 27.61
C ALA A 24 10.61 9.86 27.89
N LYS A 25 11.91 9.72 27.59
CA LYS A 25 12.83 10.84 27.72
C LYS A 25 12.39 12.01 26.85
N ASP A 26 12.12 11.73 25.57
CA ASP A 26 11.79 12.83 24.67
C ASP A 26 10.48 13.50 25.06
N LEU A 27 9.44 12.72 25.37
CA LEU A 27 8.18 13.31 25.82
C LEU A 27 8.39 14.21 27.04
N ALA A 28 9.14 13.73 28.02
CA ALA A 28 9.40 14.54 29.21
C ALA A 28 10.14 15.82 28.84
N ALA A 29 11.11 15.73 27.93
CA ALA A 29 11.87 16.93 27.58
C ALA A 29 11.00 17.97 26.89
N GLN A 30 9.85 17.58 26.37
CA GLN A 30 8.90 18.48 25.76
C GLN A 30 7.83 18.96 26.72
N GLY A 31 7.93 18.61 28.01
CA GLY A 31 7.04 19.15 29.01
C GLY A 31 5.95 18.22 29.50
N ALA A 32 5.91 16.98 29.01
CA ALA A 32 4.86 16.04 29.38
C ALA A 32 5.14 15.40 30.74
N ARG A 33 4.08 15.10 31.47
CA ARG A 33 4.16 14.17 32.58
C ARG A 33 4.07 12.77 32.03
N VAL A 34 5.10 11.96 32.23
CA VAL A 34 5.22 10.65 31.57
C VAL A 34 5.13 9.54 32.61
N ILE A 35 4.26 8.56 32.36
CA ILE A 35 4.20 7.30 33.10
C ILE A 35 4.78 6.21 32.20
N ILE A 36 5.75 5.46 32.71
CA ILE A 36 6.34 4.32 32.00
C ILE A 36 6.01 3.05 32.77
N THR A 37 5.93 1.93 32.05
CA THR A 37 5.67 0.67 32.69
C THR A 37 6.66 -0.39 32.25
N GLY A 38 6.63 -1.52 32.95
CA GLY A 38 7.54 -2.59 32.67
C GLY A 38 7.27 -3.72 33.65
N ARG A 39 7.66 -4.92 33.24
CA ARG A 39 7.41 -6.07 34.10
C ARG A 39 8.44 -6.17 35.23
N ARG A 40 9.69 -5.76 35.00
CA ARG A 40 10.76 -5.94 35.98
C ARG A 40 10.93 -4.69 36.84
N GLN A 41 10.86 -4.89 38.16
CA GLN A 41 10.93 -3.76 39.09
C GLN A 41 12.28 -3.04 39.03
N ALA A 42 13.37 -3.80 39.02
CA ALA A 42 14.72 -3.21 39.06
C ALA A 42 14.94 -2.31 37.84
N GLU A 43 14.76 -2.86 36.64
CA GLU A 43 14.89 -2.07 35.43
C GLU A 43 13.91 -0.90 35.41
N LEU A 44 12.69 -1.08 35.93
CA LEU A 44 11.75 0.04 36.02
C LEU A 44 12.29 1.14 36.93
N ASP A 45 12.70 0.77 38.16
CA ASP A 45 13.23 1.76 39.11
C ASP A 45 14.42 2.50 38.52
N GLN A 46 15.32 1.79 37.85
CA GLN A 46 16.49 2.41 37.24
C GLN A 46 16.11 3.38 36.10
N ALA A 47 15.13 2.99 35.27
CA ALA A 47 14.66 3.88 34.20
C ALA A 47 14.06 5.16 34.77
N VAL A 48 13.23 5.04 35.80
CA VAL A 48 12.62 6.22 36.39
C VAL A 48 13.68 7.13 36.98
N ALA A 49 14.69 6.54 37.63
CA ALA A 49 15.72 7.35 38.24
C ALA A 49 16.61 7.99 37.17
N ALA A 50 17.01 7.21 36.16
CA ALA A 50 17.88 7.74 35.11
C ALA A 50 17.22 8.89 34.36
N LEU A 51 15.91 8.80 34.14
CA LEU A 51 15.24 9.85 33.37
C LEU A 51 14.95 11.08 34.20
N GLY A 52 14.68 10.91 35.49
CA GLY A 52 14.25 12.02 36.33
C GLY A 52 13.07 12.73 35.69
N GLN A 53 13.19 14.06 35.55
CA GLN A 53 12.26 14.90 34.81
C GLN A 53 10.79 14.60 35.08
N GLY A 54 10.45 14.28 36.32
CA GLY A 54 9.08 13.98 36.70
C GLY A 54 8.46 12.77 36.01
N VAL A 55 9.28 11.79 35.61
CA VAL A 55 8.77 10.52 35.10
C VAL A 55 8.42 9.64 36.29
N ARG A 56 7.40 8.81 36.10
CA ARG A 56 6.85 7.95 37.14
C ARG A 56 6.70 6.55 36.58
N GLY A 57 7.02 5.53 37.38
CA GLY A 57 6.99 4.15 36.93
C GLY A 57 5.90 3.34 37.62
N VAL A 58 5.34 2.38 36.88
CA VAL A 58 4.42 1.40 37.43
C VAL A 58 4.83 0.04 36.90
N ARG A 59 5.02 -0.92 37.80
CA ARG A 59 5.26 -2.31 37.39
C ARG A 59 3.92 -2.91 36.97
N SER A 60 3.78 -3.24 35.67
CA SER A 60 2.56 -3.87 35.20
C SER A 60 2.85 -4.56 33.88
N ASP A 61 2.23 -5.70 33.70
CA ASP A 61 2.32 -6.50 32.49
C ASP A 61 1.12 -6.15 31.62
N VAL A 62 1.36 -5.79 30.36
CA VAL A 62 0.24 -5.41 29.49
C VAL A 62 -0.66 -6.60 29.18
N THR A 63 -0.15 -7.83 29.30
CA THR A 63 -0.93 -9.02 29.03
C THR A 63 -1.84 -9.43 30.21
N ARG A 64 -1.73 -8.78 31.35
CA ARG A 64 -2.56 -9.10 32.51
C ARG A 64 -3.64 -8.03 32.67
N SER A 65 -4.90 -8.44 32.50
CA SER A 65 -6.02 -7.52 32.57
C SER A 65 -6.01 -6.72 33.88
N ALA A 66 -5.79 -7.41 35.00
CA ALA A 66 -5.80 -6.76 36.32
C ALA A 66 -4.66 -5.77 36.44
N ASP A 67 -3.50 -6.09 35.84
CA ASP A 67 -2.40 -5.12 35.77
C ASP A 67 -2.82 -3.87 35.01
N LEU A 68 -3.49 -4.06 33.87
CA LEU A 68 -3.97 -2.91 33.12
C LEU A 68 -4.92 -2.06 33.99
N ASP A 69 -5.85 -2.72 34.69
CA ASP A 69 -6.79 -1.97 35.53
C ASP A 69 -6.07 -1.16 36.58
N ALA A 70 -5.15 -1.79 37.33
CA ALA A 70 -4.45 -1.06 38.39
C ALA A 70 -3.64 0.09 37.82
N LEU A 71 -2.98 -0.13 36.68
CA LEU A 71 -2.22 0.94 36.02
C LEU A 71 -3.10 2.17 35.77
N PHE A 72 -4.28 1.97 35.19
CA PHE A 72 -5.09 3.12 34.83
C PHE A 72 -5.75 3.76 36.05
N GLU A 73 -6.03 2.96 37.10
CA GLU A 73 -6.49 3.53 38.36
C GLU A 73 -5.44 4.46 38.95
N THR A 74 -4.18 4.05 38.88
CA THR A 74 -3.05 4.89 39.27
C THR A 74 -3.06 6.23 38.53
N ILE A 75 -3.38 6.21 37.23
CA ILE A 75 -3.35 7.45 36.48
C ILE A 75 -4.52 8.33 36.86
N ARG A 76 -5.71 7.75 37.01
CA ARG A 76 -6.87 8.51 37.44
C ARG A 76 -6.63 9.19 38.79
N ALA A 77 -6.05 8.46 39.76
CA ALA A 77 -5.88 9.01 41.09
C ALA A 77 -4.74 10.04 41.15
N THR A 78 -3.71 9.85 40.34
CA THR A 78 -2.51 10.70 40.37
C THR A 78 -2.64 11.93 39.47
N GLU A 79 -2.75 11.71 38.15
CA GLU A 79 -2.81 12.82 37.20
C GLU A 79 -4.23 13.25 36.85
N GLY A 80 -5.19 12.32 36.85
CA GLY A 80 -6.59 12.61 36.61
C GLY A 80 -7.06 12.58 35.17
N ARG A 81 -6.16 12.35 34.21
CA ARG A 81 -6.49 12.21 32.80
C ARG A 81 -5.28 11.65 32.08
N LEU A 82 -5.51 11.24 30.83
CA LEU A 82 -4.45 10.77 29.93
C LEU A 82 -4.63 11.40 28.56
N ASP A 83 -3.62 12.13 28.09
CA ASP A 83 -3.64 12.81 26.80
C ASP A 83 -2.97 12.03 25.69
N VAL A 84 -1.94 11.23 26.01
CA VAL A 84 -1.08 10.57 25.05
C VAL A 84 -0.85 9.11 25.46
N LEU A 85 -1.09 8.19 24.54
CA LEU A 85 -0.90 6.76 24.79
C LEU A 85 0.02 6.21 23.71
N PHE A 86 1.15 5.66 24.14
CA PHE A 86 2.11 4.97 23.27
C PHE A 86 2.12 3.52 23.71
N THR A 87 1.46 2.67 22.93
CA THR A 87 1.36 1.24 23.20
C THR A 87 2.63 0.58 22.67
N ASN A 88 3.73 0.86 23.35
CA ASN A 88 5.05 0.47 22.86
C ASN A 88 5.41 -0.97 23.21
N ALA A 89 5.01 -1.46 24.38
CA ALA A 89 5.51 -2.74 24.87
C ALA A 89 5.25 -3.86 23.85
N GLY A 90 6.31 -4.56 23.46
CA GLY A 90 6.23 -5.51 22.36
C GLY A 90 7.55 -6.23 22.20
N GLY A 91 7.56 -7.20 21.28
CA GLY A 91 8.77 -7.94 21.01
C GLY A 91 8.53 -9.02 19.98
N GLY A 92 9.58 -9.79 19.73
CA GLY A 92 9.54 -10.82 18.71
C GLY A 92 10.72 -11.75 18.83
N SER A 93 10.59 -12.92 18.21
CA SER A 93 11.66 -13.89 18.11
C SER A 93 11.58 -14.59 16.76
N MET A 94 12.64 -15.32 16.43
CA MET A 94 12.73 -16.01 15.15
C MET A 94 12.08 -17.40 15.19
N ALA A 95 11.32 -17.72 14.13
CA ALA A 95 10.74 -19.05 13.95
C ALA A 95 10.34 -19.23 12.50
N ALA A 96 11.08 -20.05 11.75
CA ALA A 96 10.69 -20.37 10.38
C ALA A 96 9.43 -21.23 10.34
N LEU A 97 8.67 -21.05 9.25
CA LEU A 97 7.54 -21.93 8.99
C LEU A 97 8.02 -23.38 8.91
N GLY A 98 7.38 -24.27 9.65
CA GLY A 98 7.89 -25.60 9.90
C GLY A 98 8.35 -25.82 11.32
N GLU A 99 8.73 -24.75 12.02
CA GLU A 99 9.15 -24.84 13.41
C GLU A 99 8.46 -23.81 14.29
N ILE A 100 7.25 -23.39 13.93
CA ILE A 100 6.48 -22.45 14.73
C ILE A 100 5.68 -23.23 15.76
N SER A 101 5.93 -22.93 17.02
CA SER A 101 5.21 -23.55 18.12
C SER A 101 3.98 -22.70 18.47
N GLU A 102 2.99 -23.37 19.07
CA GLU A 102 1.80 -22.66 19.53
C GLU A 102 2.14 -21.58 20.54
N GLN A 103 3.17 -21.81 21.35
CA GLN A 103 3.55 -20.82 22.35
C GLN A 103 4.22 -19.62 21.70
N HIS A 104 5.04 -19.87 20.65
CA HIS A 104 5.60 -18.78 19.88
C HIS A 104 4.51 -17.89 19.29
N PHE A 105 3.46 -18.49 18.73
CA PHE A 105 2.38 -17.68 18.19
C PHE A 105 1.66 -16.91 19.30
N ASP A 106 1.25 -17.60 20.35
CA ASP A 106 0.46 -16.97 21.42
C ASP A 106 1.23 -15.84 22.09
N ASP A 107 2.48 -16.08 22.44
CA ASP A 107 3.26 -15.03 23.10
C ASP A 107 3.36 -13.79 22.23
N THR A 108 3.69 -13.97 20.95
CA THR A 108 3.80 -12.82 20.04
C THR A 108 2.49 -12.08 19.96
N PHE A 109 1.38 -12.78 19.66
CA PHE A 109 0.14 -12.05 19.44
C PHE A 109 -0.49 -11.56 20.74
N GLU A 110 -0.20 -12.20 21.86
CA GLU A 110 -0.81 -11.74 23.11
C GLU A 110 -0.28 -10.39 23.51
N ARG A 111 1.05 -10.20 23.41
CA ARG A 111 1.66 -8.92 23.76
C ARG A 111 1.54 -7.91 22.63
N ASN A 112 1.84 -8.32 21.39
CA ASN A 112 1.92 -7.38 20.27
C ASN A 112 0.57 -6.93 19.76
N VAL A 113 -0.50 -7.71 19.95
CA VAL A 113 -1.78 -7.36 19.36
C VAL A 113 -2.86 -7.25 20.42
N LYS A 114 -3.16 -8.37 21.09
CA LYS A 114 -4.20 -8.36 22.11
C LYS A 114 -3.93 -7.30 23.17
N ALA A 115 -2.72 -7.27 23.72
CA ALA A 115 -2.40 -6.26 24.74
C ALA A 115 -2.57 -4.85 24.21
N VAL A 116 -2.30 -4.61 22.93
CA VAL A 116 -2.52 -3.27 22.37
C VAL A 116 -4.01 -2.93 22.43
N VAL A 117 -4.85 -3.87 22.00
CA VAL A 117 -6.30 -3.64 21.98
C VAL A 117 -6.81 -3.24 23.36
N PHE A 118 -6.39 -3.96 24.40
CA PHE A 118 -6.94 -3.74 25.73
C PHE A 118 -6.22 -2.65 26.49
N THR A 119 -4.95 -2.40 26.17
CA THR A 119 -4.35 -1.15 26.66
C THR A 119 -5.18 0.05 26.20
N VAL A 120 -5.52 0.09 24.91
CA VAL A 120 -6.25 1.23 24.38
C VAL A 120 -7.65 1.30 25.00
N GLN A 121 -8.35 0.16 25.04
CA GLN A 121 -9.74 0.17 25.52
C GLN A 121 -9.82 0.62 26.98
N LYS A 122 -8.93 0.14 27.85
CA LYS A 122 -8.98 0.60 29.23
C LYS A 122 -8.56 2.04 29.35
N ALA A 123 -7.76 2.54 28.40
CA ALA A 123 -7.31 3.93 28.48
C ALA A 123 -8.45 4.91 28.18
N LEU A 124 -9.40 4.52 27.34
CA LEU A 124 -10.38 5.47 26.78
C LEU A 124 -11.11 6.31 27.81
N PRO A 125 -11.56 5.81 28.96
CA PRO A 125 -12.25 6.68 29.92
C PRO A 125 -11.42 7.84 30.44
N LEU A 126 -10.10 7.77 30.37
CA LEU A 126 -9.27 8.87 30.86
C LEU A 126 -8.91 9.87 29.76
N MET A 127 -9.30 9.62 28.51
CA MET A 127 -8.75 10.37 27.41
C MET A 127 -9.77 11.38 26.90
N PRO A 128 -9.45 12.67 26.89
CA PRO A 128 -10.41 13.68 26.43
C PRO A 128 -10.45 13.79 24.91
N GLN A 129 -11.45 14.54 24.43
CA GLN A 129 -11.45 15.04 23.06
C GLN A 129 -10.11 15.68 22.73
N GLY A 130 -9.52 15.25 21.61
CA GLY A 130 -8.23 15.78 21.21
C GLY A 130 -7.03 14.99 21.71
N ALA A 131 -7.23 13.96 22.52
CA ALA A 131 -6.14 13.06 22.92
C ALA A 131 -5.56 12.35 21.70
N SER A 132 -4.36 11.82 21.87
CA SER A 132 -3.59 11.22 20.79
C SER A 132 -3.14 9.82 21.20
N ILE A 133 -3.47 8.82 20.40
CA ILE A 133 -2.99 7.46 20.60
C ILE A 133 -1.96 7.13 19.52
N ILE A 134 -0.82 6.59 19.94
CA ILE A 134 0.23 6.16 19.03
C ILE A 134 0.44 4.67 19.23
N LEU A 135 0.15 3.88 18.19
CA LEU A 135 0.52 2.47 18.18
C LEU A 135 1.92 2.30 17.63
N ASN A 136 2.64 1.30 18.16
CA ASN A 136 3.97 0.92 17.68
C ASN A 136 3.81 -0.24 16.70
N GLY A 137 4.02 0.02 15.43
CA GLY A 137 4.00 -0.97 14.38
C GLY A 137 5.40 -1.42 14.05
N SER A 138 5.69 -1.55 12.75
CA SER A 138 7.00 -1.95 12.23
C SER A 138 6.91 -2.16 10.73
N ILE A 139 8.00 -1.88 10.02
CA ILE A 139 8.08 -2.26 8.61
C ILE A 139 7.94 -3.77 8.39
N ALA A 140 8.20 -4.59 9.41
CA ALA A 140 7.96 -6.03 9.23
C ALA A 140 6.51 -6.31 8.86
N GLY A 141 5.60 -5.43 9.25
CA GLY A 141 4.18 -5.59 8.96
C GLY A 141 3.82 -5.39 7.51
N SER A 142 4.68 -4.75 6.72
CA SER A 142 4.38 -4.53 5.32
C SER A 142 5.45 -5.13 4.41
N THR A 143 6.34 -5.95 4.97
CA THR A 143 7.41 -6.61 4.24
C THR A 143 7.46 -8.07 4.65
N GLY A 144 8.33 -8.83 4.01
CA GLY A 144 8.56 -10.23 4.35
C GLY A 144 9.97 -10.43 4.85
N THR A 145 10.10 -11.17 5.95
CA THR A 145 11.39 -11.48 6.55
C THR A 145 11.44 -12.94 6.89
N GLN A 146 12.48 -13.63 6.40
CA GLN A 146 12.60 -15.06 6.64
C GLN A 146 12.59 -15.34 8.13
N ALA A 147 11.71 -16.24 8.55
CA ALA A 147 11.62 -16.69 9.94
C ALA A 147 11.10 -15.62 10.89
N PHE A 148 10.40 -14.60 10.40
CA PHE A 148 9.73 -13.63 11.27
C PHE A 148 8.29 -13.40 10.83
N SER A 149 7.68 -14.40 10.19
CA SER A 149 6.32 -14.24 9.71
C SER A 149 5.35 -13.90 10.85
N ILE A 150 5.50 -14.53 12.01
CA ILE A 150 4.52 -14.29 13.07
C ILE A 150 4.65 -12.88 13.62
N TYR A 151 5.88 -12.43 13.84
CA TYR A 151 6.12 -11.04 14.25
C TYR A 151 5.59 -10.06 13.21
N GLY A 152 5.92 -10.29 11.94
CA GLY A 152 5.40 -9.46 10.86
C GLY A 152 3.88 -9.40 10.89
N ALA A 153 3.24 -10.57 10.93
CA ALA A 153 1.78 -10.63 10.99
C ALA A 153 1.22 -9.81 12.16
N SER A 154 1.87 -9.87 13.32
CA SER A 154 1.36 -9.13 14.47
C SER A 154 1.47 -7.63 14.23
N LYS A 155 2.53 -7.20 13.55
CA LYS A 155 2.69 -5.77 13.31
C LYS A 155 1.75 -5.28 12.20
N ALA A 156 1.48 -6.10 11.17
CA ALA A 156 0.44 -5.73 10.22
C ALA A 156 -0.92 -5.58 10.91
N ALA A 157 -1.24 -6.47 11.85
CA ALA A 157 -2.50 -6.38 12.57
C ALA A 157 -2.60 -5.07 13.36
N VAL A 158 -1.50 -4.66 14.02
CA VAL A 158 -1.49 -3.38 14.73
C VAL A 158 -1.83 -2.24 13.79
N ARG A 159 -1.18 -2.21 12.62
CA ARG A 159 -1.44 -1.15 11.66
C ARG A 159 -2.91 -1.12 11.25
N ALA A 160 -3.51 -2.28 10.99
CA ALA A 160 -4.91 -2.30 10.57
C ALA A 160 -5.83 -1.79 11.68
N LEU A 161 -5.52 -2.12 12.93
CA LEU A 161 -6.37 -1.70 14.04
C LEU A 161 -6.64 -0.21 13.98
N ALA A 162 -5.61 0.58 13.69
CA ALA A 162 -5.74 2.03 13.68
C ALA A 162 -6.73 2.51 12.61
N ARG A 163 -6.79 1.83 11.45
CA ARG A 163 -7.74 2.24 10.41
C ARG A 163 -9.18 2.22 10.92
N SER A 164 -9.59 1.12 11.56
CA SER A 164 -10.95 1.00 12.06
C SER A 164 -11.20 1.89 13.28
N TRP A 165 -10.17 2.10 14.12
CA TRP A 165 -10.31 2.90 15.33
C TRP A 165 -10.46 4.38 15.05
N VAL A 166 -10.00 4.87 13.90
CA VAL A 166 -10.40 6.22 13.47
C VAL A 166 -11.91 6.38 13.64
N LEU A 167 -12.67 5.43 13.10
CA LEU A 167 -14.12 5.52 13.10
C LEU A 167 -14.71 5.20 14.47
N ASP A 168 -14.15 4.22 15.17
CA ASP A 168 -14.66 3.93 16.51
C ASP A 168 -14.48 5.11 17.44
N LEU A 169 -13.43 5.90 17.25
CA LEU A 169 -13.06 6.99 18.14
C LEU A 169 -13.47 8.39 17.66
N LYS A 170 -14.15 8.50 16.51
CA LYS A 170 -14.51 9.79 15.92
C LYS A 170 -15.29 10.68 16.92
N GLU A 171 -16.41 10.18 17.45
CA GLU A 171 -17.18 10.98 18.41
C GLU A 171 -16.38 11.34 19.66
N ARG A 172 -15.47 10.47 20.11
CA ARG A 172 -14.64 10.82 21.25
C ARG A 172 -13.56 11.84 20.88
N GLY A 173 -13.36 12.10 19.59
CA GLY A 173 -12.34 13.05 19.15
C GLY A 173 -10.90 12.62 19.38
N ILE A 174 -10.63 11.32 19.47
CA ILE A 174 -9.30 10.81 19.74
C ILE A 174 -8.74 10.24 18.45
N ARG A 175 -7.59 10.73 18.03
CA ARG A 175 -6.96 10.24 16.82
C ARG A 175 -5.98 9.11 17.16
N VAL A 176 -5.80 8.19 16.21
CA VAL A 176 -4.97 7.00 16.38
C VAL A 176 -4.03 6.89 15.20
N ASN A 177 -2.74 6.87 15.47
CA ASN A 177 -1.77 6.72 14.41
C ASN A 177 -0.73 5.67 14.81
N VAL A 178 0.09 5.28 13.83
CA VAL A 178 1.03 4.18 13.95
C VAL A 178 2.40 4.73 13.60
N VAL A 179 3.39 4.52 14.46
CA VAL A 179 4.78 4.70 14.07
C VAL A 179 5.34 3.34 13.70
N SER A 180 5.96 3.26 12.52
CA SER A 180 6.53 1.99 12.05
C SER A 180 8.03 2.17 11.92
N PRO A 181 8.78 1.82 12.96
CA PRO A 181 10.23 1.93 12.85
C PRO A 181 10.77 0.84 11.95
N GLY A 182 11.86 1.18 11.26
CA GLY A 182 12.77 0.17 10.75
C GLY A 182 13.69 -0.21 11.87
N SER A 183 14.89 -0.68 11.51
CA SER A 183 15.82 -1.24 12.49
C SER A 183 16.41 -0.14 13.37
N THR A 184 16.22 -0.30 14.68
CA THR A 184 16.58 0.66 15.72
C THR A 184 17.43 -0.02 16.76
N ARG A 185 18.56 0.60 17.11
CA ARG A 185 19.51 0.05 18.06
C ARG A 185 18.95 -0.02 19.48
N THR A 186 18.36 -1.15 19.86
CA THR A 186 17.84 -1.34 21.20
C THR A 186 18.35 -2.66 21.78
N ILE A 187 18.17 -2.82 23.09
CA ILE A 187 18.45 -4.12 23.73
C ILE A 187 17.64 -5.23 23.07
N GLY A 188 16.34 -5.02 22.92
CA GLY A 188 15.46 -5.85 22.10
C GLY A 188 16.08 -6.33 20.81
N LEU A 189 16.55 -5.39 19.98
CA LEU A 189 17.13 -5.75 18.68
C LEU A 189 18.41 -6.56 18.84
N ALA A 190 19.31 -6.11 19.71
CA ALA A 190 20.58 -6.80 19.95
C ALA A 190 20.36 -8.24 20.42
N GLU A 191 19.37 -8.45 21.26
CA GLU A 191 19.12 -9.78 21.81
C GLU A 191 18.84 -10.80 20.70
N LEU A 192 18.36 -10.34 19.53
CA LEU A 192 18.18 -11.24 18.38
C LEU A 192 19.50 -11.86 17.90
N GLY A 193 20.63 -11.22 18.17
CA GLY A 193 21.96 -11.73 17.89
C GLY A 193 22.49 -12.75 18.86
N GLY A 194 21.74 -13.08 19.89
CA GLY A 194 22.19 -13.93 20.97
C GLY A 194 22.76 -13.12 22.11
N ASP A 195 23.38 -13.84 23.05
CA ASP A 195 23.91 -13.20 24.24
C ASP A 195 25.39 -12.87 24.12
N THR A 196 26.08 -13.34 23.09
CA THR A 196 27.48 -12.99 22.91
C THR A 196 27.60 -11.64 22.21
N GLN A 197 28.62 -10.86 22.61
CA GLN A 197 28.84 -9.57 21.97
C GLN A 197 29.18 -9.73 20.50
N GLU A 198 29.98 -10.75 20.16
CA GLU A 198 30.32 -11.01 18.76
C GLU A 198 29.06 -11.19 17.92
N GLY A 199 28.11 -12.00 18.41
CA GLY A 199 26.90 -12.22 17.65
C GLY A 199 26.06 -10.96 17.52
N GLN A 200 25.97 -10.17 18.58
CA GLN A 200 25.22 -8.93 18.50
C GLN A 200 25.83 -8.00 17.47
N ASP A 201 27.16 -7.88 17.46
CA ASP A 201 27.82 -7.02 16.48
C ASP A 201 27.56 -7.50 15.05
N GLY A 202 27.63 -8.81 14.84
CA GLY A 202 27.37 -9.34 13.51
C GLY A 202 25.97 -9.05 13.01
N LEU A 203 24.97 -9.37 13.83
CA LEU A 203 23.59 -9.10 13.45
C LEU A 203 23.35 -7.61 13.22
N LEU A 204 23.84 -6.76 14.14
CA LEU A 204 23.60 -5.33 14.05
C LEU A 204 24.23 -4.73 12.80
N ALA A 205 25.43 -5.18 12.42
CA ALA A 205 26.03 -4.67 11.20
C ALA A 205 25.30 -5.20 9.97
N TYR A 206 24.78 -6.41 10.03
CA TYR A 206 24.00 -6.92 8.92
C TYR A 206 22.72 -6.10 8.73
N LEU A 207 22.01 -5.81 9.81
CA LEU A 207 20.79 -5.03 9.66
C LEU A 207 21.09 -3.62 9.19
N ALA A 208 22.24 -3.08 9.55
CA ALA A 208 22.59 -1.74 9.07
C ALA A 208 22.84 -1.74 7.57
N SER A 209 23.37 -2.84 7.02
CA SER A 209 23.62 -2.89 5.59
C SER A 209 22.34 -2.99 4.79
N LEU A 210 21.22 -3.35 5.41
CA LEU A 210 19.93 -3.38 4.73
C LEU A 210 19.29 -2.00 4.61
N VAL A 211 19.75 -1.03 5.38
CA VAL A 211 19.16 0.31 5.39
C VAL A 211 19.77 1.13 4.24
N PRO A 212 18.95 1.76 3.39
CA PRO A 212 19.51 2.61 2.32
C PRO A 212 20.53 3.62 2.80
N ILE A 213 20.25 4.33 3.90
CA ILE A 213 21.20 5.32 4.41
C ILE A 213 22.34 4.70 5.20
N GLY A 214 22.35 3.38 5.36
CA GLY A 214 23.50 2.67 5.87
C GLY A 214 23.75 2.69 7.36
N ARG A 215 22.75 2.98 8.18
CA ARG A 215 22.92 2.90 9.62
C ARG A 215 21.59 2.52 10.26
N LEU A 216 21.69 1.95 11.46
CA LEU A 216 20.52 1.76 12.30
C LEU A 216 20.08 3.10 12.89
N ALA A 217 18.81 3.18 13.28
CA ALA A 217 18.34 4.36 13.98
C ALA A 217 18.80 4.34 15.42
N ASP A 218 19.14 5.51 15.93
CA ASP A 218 19.16 5.68 17.35
C ASP A 218 17.73 5.76 17.85
N PRO A 219 17.42 5.17 19.00
CA PRO A 219 16.03 5.23 19.50
C PRO A 219 15.46 6.64 19.59
N SER A 220 16.30 7.66 19.82
CA SER A 220 15.77 9.02 19.88
C SER A 220 15.13 9.44 18.56
N GLU A 221 15.59 8.90 17.44
CA GLU A 221 15.00 9.28 16.16
C GLU A 221 13.60 8.71 15.98
N ILE A 222 13.31 7.54 16.58
CA ILE A 222 11.94 7.05 16.64
C ILE A 222 11.14 7.88 17.66
N ALA A 223 11.75 8.23 18.79
CA ALA A 223 11.07 9.04 19.80
C ALA A 223 10.55 10.36 19.23
N LYS A 224 11.32 11.02 18.36
CA LYS A 224 10.87 12.28 17.76
C LYS A 224 9.57 12.12 16.98
N VAL A 225 9.40 10.99 16.30
CA VAL A 225 8.16 10.76 15.56
C VAL A 225 6.98 10.63 16.51
N VAL A 226 7.15 9.85 17.58
CA VAL A 226 6.10 9.71 18.58
C VAL A 226 5.72 11.06 19.17
N SER A 227 6.71 11.88 19.52
CA SER A 227 6.43 13.19 20.10
C SER A 227 5.66 14.07 19.13
N PHE A 228 5.99 14.01 17.83
CA PHE A 228 5.25 14.78 16.84
C PHE A 228 3.78 14.37 16.80
N LEU A 229 3.52 13.06 16.73
CA LEU A 229 2.16 12.52 16.76
C LEU A 229 1.44 12.86 18.06
N ALA A 230 2.18 12.91 19.16
CA ALA A 230 1.57 13.24 20.45
C ALA A 230 1.16 14.71 20.50
N SER A 231 1.90 15.57 19.79
CA SER A 231 1.68 16.99 19.81
C SER A 231 0.43 17.36 19.02
N ASP A 232 -0.02 18.61 19.21
CA ASP A 232 -1.15 19.13 18.48
C ASP A 232 -0.84 19.37 17.01
N ASP A 233 0.44 19.34 16.60
CA ASP A 233 0.77 19.49 15.19
C ASP A 233 0.15 18.39 14.32
N SER A 234 -0.10 17.21 14.89
CA SER A 234 -0.66 16.09 14.16
C SER A 234 -2.20 16.13 14.14
N SER A 235 -2.80 17.29 14.36
CA SER A 235 -4.24 17.37 14.53
C SER A 235 -5.02 16.88 13.31
N PHE A 236 -4.43 16.87 12.12
CA PHE A 236 -5.16 16.38 10.95
C PHE A 236 -4.66 15.02 10.49
N ILE A 237 -3.87 14.34 11.31
CA ILE A 237 -3.40 12.98 11.04
C ILE A 237 -4.28 12.02 11.83
N ASN A 238 -4.82 11.01 11.15
CA ASN A 238 -5.69 10.04 11.81
C ASN A 238 -5.69 8.75 11.02
N GLY A 239 -5.41 7.64 11.71
CA GLY A 239 -5.33 6.35 11.08
C GLY A 239 -4.10 6.14 10.23
N ALA A 240 -3.11 7.04 10.31
CA ALA A 240 -1.99 7.02 9.40
C ALA A 240 -0.82 6.21 9.98
N GLU A 241 0.02 5.72 9.07
CA GLU A 241 1.26 5.04 9.41
C GLU A 241 2.42 5.95 9.02
N ILE A 242 3.20 6.38 10.01
CA ILE A 242 4.41 7.14 9.76
C ILE A 242 5.61 6.20 9.86
N THR A 243 6.28 5.94 8.74
CA THR A 243 7.38 4.98 8.73
C THR A 243 8.71 5.71 8.83
N ALA A 244 9.47 5.40 9.88
CA ALA A 244 10.81 5.92 10.10
C ALA A 244 11.78 4.77 9.93
N ASP A 245 12.25 4.55 8.70
CA ASP A 245 13.05 3.37 8.47
C ASP A 245 14.32 3.65 7.68
N GLY A 246 14.70 4.92 7.48
CA GLY A 246 15.87 5.21 6.67
C GLY A 246 15.82 4.79 5.20
N GLY A 247 14.61 4.52 4.65
CA GLY A 247 14.44 4.15 3.24
C GLY A 247 14.11 2.70 2.97
N GLN A 248 14.26 1.81 3.96
CA GLN A 248 14.35 0.36 3.75
C GLN A 248 13.06 -0.19 3.19
N ALA A 249 11.92 0.15 3.78
CA ALA A 249 10.66 -0.37 3.25
C ALA A 249 10.09 0.51 2.15
N GLN A 250 10.55 1.75 2.02
CA GLN A 250 10.06 2.58 0.93
C GLN A 250 10.71 2.31 -0.43
N VAL A 251 11.91 1.72 -0.47
CA VAL A 251 12.60 1.50 -1.76
C VAL A 251 12.12 0.20 -2.39
N LYS B 3 12.14 27.31 17.63
CA LYS B 3 13.05 27.75 16.56
C LYS B 3 13.89 26.56 16.12
N ARG B 4 13.17 25.47 15.83
CA ARG B 4 13.78 24.22 15.37
C ARG B 4 14.57 24.41 14.07
N LEU B 5 14.14 25.34 13.21
CA LEU B 5 14.75 25.51 11.89
C LEU B 5 15.70 26.71 11.84
N GLU B 6 16.21 27.16 12.99
CA GLU B 6 17.09 28.33 13.05
C GLU B 6 18.30 28.15 12.15
N GLY B 7 18.54 29.14 11.29
CA GLY B 7 19.69 29.09 10.41
C GLY B 7 19.48 28.32 9.11
N LYS B 8 18.29 27.77 8.90
CA LYS B 8 18.04 26.93 7.73
C LYS B 8 17.39 27.75 6.63
N VAL B 9 17.83 27.52 5.40
CA VAL B 9 17.28 28.19 4.23
C VAL B 9 16.29 27.25 3.57
N ALA B 10 15.04 27.69 3.47
CA ALA B 10 13.96 26.90 2.89
C ALA B 10 13.39 27.60 1.66
N LEU B 11 13.10 26.82 0.61
CA LEU B 11 12.37 27.31 -0.56
C LEU B 11 11.01 26.62 -0.65
N VAL B 12 9.95 27.40 -0.82
CA VAL B 12 8.60 26.90 -1.00
C VAL B 12 8.11 27.38 -2.37
N THR B 13 8.04 26.49 -3.35
CA THR B 13 7.46 26.91 -4.63
C THR B 13 5.96 27.04 -4.49
N GLY B 14 5.41 28.10 -5.07
CA GLY B 14 3.98 28.37 -4.98
C GLY B 14 3.57 28.68 -3.56
N GLY B 15 4.26 29.64 -2.95
CA GLY B 15 4.05 29.97 -1.54
C GLY B 15 3.19 31.17 -1.26
N THR B 16 2.43 31.65 -2.25
CA THR B 16 1.63 32.86 -2.07
C THR B 16 0.19 32.57 -1.71
N SER B 17 -0.20 31.29 -1.65
CA SER B 17 -1.56 30.97 -1.29
C SER B 17 -1.59 29.60 -0.62
N GLY B 18 -2.68 29.36 0.11
CA GLY B 18 -3.01 28.01 0.56
C GLY B 18 -1.93 27.33 1.39
N ILE B 19 -1.60 26.09 1.01
CA ILE B 19 -0.67 25.30 1.80
C ILE B 19 0.74 25.88 1.71
N GLY B 20 1.13 26.32 0.51
CA GLY B 20 2.42 26.98 0.36
C GLY B 20 2.59 28.18 1.28
N LEU B 21 1.56 29.03 1.36
CA LEU B 21 1.62 30.23 2.20
C LEU B 21 1.68 29.86 3.68
N ALA B 22 0.77 28.98 4.12
CA ALA B 22 0.79 28.48 5.49
C ALA B 22 2.14 27.85 5.83
N THR B 23 2.69 27.07 4.92
CA THR B 23 3.97 26.40 5.17
C THR B 23 5.10 27.42 5.28
N ALA B 24 5.14 28.39 4.38
CA ALA B 24 6.15 29.44 4.48
C ALA B 24 6.03 30.19 5.80
N LYS B 25 4.80 30.47 6.22
CA LYS B 25 4.57 31.07 7.53
C LYS B 25 5.13 30.18 8.63
N ASP B 26 4.79 28.89 8.63
CA ASP B 26 5.25 28.02 9.71
C ASP B 26 6.75 27.82 9.70
N LEU B 27 7.33 27.55 8.52
CA LEU B 27 8.78 27.45 8.42
C LEU B 27 9.45 28.70 8.97
N ALA B 28 8.94 29.87 8.57
CA ALA B 28 9.51 31.12 9.06
C ALA B 28 9.40 31.21 10.58
N ALA B 29 8.25 30.80 11.13
CA ALA B 29 8.04 30.90 12.57
C ALA B 29 8.96 29.98 13.36
N GLN B 30 9.60 29.00 12.72
CA GLN B 30 10.56 28.12 13.36
C GLN B 30 12.00 28.57 13.17
N GLY B 31 12.22 29.74 12.55
CA GLY B 31 13.54 30.31 12.41
C GLY B 31 14.12 30.26 11.01
N ALA B 32 13.39 29.72 10.04
CA ALA B 32 13.94 29.53 8.71
C ALA B 32 13.93 30.82 7.90
N ARG B 33 14.95 30.98 7.07
CA ARG B 33 14.90 31.97 6.00
C ARG B 33 14.15 31.36 4.82
N VAL B 34 13.02 31.95 4.45
CA VAL B 34 12.11 31.33 3.49
C VAL B 34 12.10 32.16 2.21
N ILE B 35 12.24 31.47 1.08
CA ILE B 35 12.00 32.04 -0.23
C ILE B 35 10.70 31.44 -0.75
N ILE B 36 9.78 32.30 -1.18
CA ILE B 36 8.52 31.87 -1.79
C ILE B 36 8.52 32.32 -3.24
N THR B 37 7.77 31.59 -4.05
CA THR B 37 7.57 31.94 -5.45
C THR B 37 6.10 31.94 -5.77
N GLY B 38 5.80 32.48 -6.97
CA GLY B 38 4.46 32.60 -7.50
C GLY B 38 4.50 33.29 -8.86
N ARG B 39 3.49 33.04 -9.68
CA ARG B 39 3.47 33.66 -11.01
C ARG B 39 2.98 35.09 -10.93
N ARG B 40 2.06 35.39 -10.02
CA ARG B 40 1.45 36.70 -9.94
C ARG B 40 2.23 37.60 -9.00
N GLN B 41 2.63 38.77 -9.51
CA GLN B 41 3.43 39.72 -8.74
C GLN B 41 2.64 40.30 -7.56
N ALA B 42 1.38 40.69 -7.79
CA ALA B 42 0.60 41.32 -6.73
C ALA B 42 0.48 40.38 -5.52
N GLU B 43 -0.04 39.17 -5.74
CA GLU B 43 -0.17 38.19 -4.66
C GLU B 43 1.17 37.85 -4.03
N LEU B 44 2.24 37.79 -4.84
CA LEU B 44 3.56 37.53 -4.27
C LEU B 44 3.95 38.66 -3.32
N ASP B 45 3.84 39.91 -3.78
CA ASP B 45 4.19 41.05 -2.93
C ASP B 45 3.36 41.05 -1.65
N GLN B 46 2.07 40.77 -1.76
CA GLN B 46 1.21 40.73 -0.58
C GLN B 46 1.65 39.63 0.39
N ALA B 47 2.01 38.46 -0.14
CA ALA B 47 2.47 37.36 0.71
C ALA B 47 3.74 37.74 1.45
N VAL B 48 4.71 38.36 0.77
CA VAL B 48 5.96 38.71 1.44
C VAL B 48 5.70 39.74 2.53
N ALA B 49 4.80 40.69 2.29
CA ALA B 49 4.55 41.72 3.28
C ALA B 49 3.81 41.13 4.49
N ALA B 50 2.79 40.32 4.25
CA ALA B 50 2.07 39.68 5.34
C ALA B 50 2.97 38.75 6.15
N LEU B 51 3.92 38.07 5.47
CA LEU B 51 4.77 37.10 6.16
C LEU B 51 5.90 37.78 6.94
N GLY B 52 6.43 38.90 6.44
CA GLY B 52 7.55 39.56 7.10
C GLY B 52 8.66 38.58 7.40
N GLN B 53 9.10 38.56 8.66
CA GLN B 53 9.96 37.52 9.22
C GLN B 53 11.13 37.09 8.32
N GLY B 54 11.73 38.02 7.58
CA GLY B 54 12.83 37.64 6.70
C GLY B 54 12.44 36.68 5.60
N VAL B 55 11.19 36.73 5.15
CA VAL B 55 10.76 36.02 3.96
C VAL B 55 11.12 36.84 2.73
N ARG B 56 11.36 36.16 1.62
CA ARG B 56 11.79 36.75 0.37
C ARG B 56 10.96 36.15 -0.76
N GLY B 57 10.53 36.99 -1.71
CA GLY B 57 9.69 36.55 -2.82
C GLY B 57 10.40 36.62 -4.16
N VAL B 58 10.09 35.67 -5.05
CA VAL B 58 10.55 35.68 -6.43
C VAL B 58 9.39 35.27 -7.34
N ARG B 59 9.08 36.11 -8.33
CA ARG B 59 8.10 35.74 -9.35
C ARG B 59 8.73 34.75 -10.33
N SER B 60 8.26 33.51 -10.34
CA SER B 60 8.79 32.52 -11.28
C SER B 60 7.79 31.39 -11.46
N ASP B 61 7.76 30.86 -12.68
CA ASP B 61 6.91 29.74 -13.04
C ASP B 61 7.74 28.47 -12.96
N VAL B 62 7.27 27.49 -12.18
CA VAL B 62 8.04 26.26 -12.06
C VAL B 62 8.08 25.49 -13.38
N THR B 63 7.10 25.70 -14.27
CA THR B 63 7.10 25.01 -15.55
C THR B 63 8.02 25.62 -16.61
N ARG B 64 8.60 26.79 -16.37
CA ARG B 64 9.53 27.42 -17.32
C ARG B 64 10.96 27.22 -16.84
N SER B 65 11.75 26.53 -17.64
CA SER B 65 13.13 26.22 -17.23
C SER B 65 13.91 27.46 -16.83
N ALA B 66 13.75 28.56 -17.59
CA ALA B 66 14.53 29.76 -17.31
C ALA B 66 14.17 30.39 -15.98
N ASP B 67 12.87 30.40 -15.62
CA ASP B 67 12.46 30.88 -14.32
C ASP B 67 13.15 30.12 -13.20
N LEU B 68 13.14 28.78 -13.28
CA LEU B 68 13.81 27.96 -12.28
C LEU B 68 15.28 28.34 -12.15
N ASP B 69 15.98 28.48 -13.28
CA ASP B 69 17.39 28.87 -13.26
C ASP B 69 17.57 30.21 -12.55
N ALA B 70 16.72 31.19 -12.87
CA ALA B 70 16.82 32.48 -12.21
C ALA B 70 16.53 32.36 -10.73
N LEU B 71 15.49 31.59 -10.39
CA LEU B 71 15.17 31.35 -8.98
C LEU B 71 16.38 30.82 -8.24
N PHE B 72 17.02 29.78 -8.76
CA PHE B 72 18.07 29.18 -7.96
C PHE B 72 19.35 30.00 -7.96
N GLU B 73 19.60 30.77 -9.03
CA GLU B 73 20.72 31.70 -9.02
C GLU B 73 20.53 32.78 -7.95
N THR B 74 19.30 33.33 -7.84
CA THR B 74 19.05 34.28 -6.77
C THR B 74 19.39 33.67 -5.40
N ILE B 75 19.07 32.38 -5.20
CA ILE B 75 19.36 31.76 -3.92
C ILE B 75 20.86 31.59 -3.74
N ARG B 76 21.55 31.13 -4.77
CA ARG B 76 23.00 31.02 -4.70
C ARG B 76 23.63 32.38 -4.38
N ALA B 77 23.16 33.44 -5.03
CA ALA B 77 23.76 34.75 -4.86
C ALA B 77 23.43 35.36 -3.50
N THR B 78 22.22 35.13 -2.99
CA THR B 78 21.80 35.73 -1.72
C THR B 78 22.15 34.84 -0.53
N GLU B 79 21.48 33.69 -0.39
CA GLU B 79 21.63 32.85 0.79
C GLU B 79 22.81 31.90 0.70
N GLY B 80 23.16 31.46 -0.51
CA GLY B 80 24.33 30.63 -0.69
C GLY B 80 24.11 29.15 -0.42
N ARG B 81 22.91 28.75 -0.02
CA ARG B 81 22.65 27.34 0.23
C ARG B 81 21.15 27.12 0.34
N LEU B 82 20.73 25.87 0.25
CA LEU B 82 19.34 25.49 0.45
C LEU B 82 19.29 24.27 1.35
N ASP B 83 18.59 24.39 2.48
CA ASP B 83 18.48 23.32 3.45
C ASP B 83 17.19 22.54 3.34
N VAL B 84 16.11 23.20 2.96
CA VAL B 84 14.76 22.63 2.93
C VAL B 84 14.12 23.01 1.59
N LEU B 85 13.52 22.03 0.92
CA LEU B 85 12.84 22.25 -0.35
C LEU B 85 11.45 21.65 -0.27
N PHE B 86 10.42 22.51 -0.42
CA PHE B 86 9.02 22.09 -0.46
C PHE B 86 8.47 22.40 -1.85
N THR B 87 8.28 21.35 -2.66
CA THR B 87 7.77 21.49 -4.02
C THR B 87 6.25 21.57 -3.98
N ASN B 88 5.75 22.72 -3.51
CA ASN B 88 4.31 22.84 -3.28
C ASN B 88 3.52 23.20 -4.53
N ALA B 89 4.09 23.98 -5.45
CA ALA B 89 3.28 24.52 -6.56
C ALA B 89 2.64 23.39 -7.36
N GLY B 90 1.32 23.43 -7.46
CA GLY B 90 0.57 22.35 -8.06
C GLY B 90 -0.89 22.72 -8.17
N GLY B 91 -1.65 21.87 -8.85
CA GLY B 91 -3.08 22.10 -8.97
C GLY B 91 -3.71 21.01 -9.82
N GLY B 92 -5.02 21.15 -10.02
CA GLY B 92 -5.77 20.17 -10.79
C GLY B 92 -7.17 20.66 -11.05
N SER B 93 -7.79 20.08 -12.07
CA SER B 93 -9.19 20.34 -12.40
C SER B 93 -9.83 19.02 -12.82
N MET B 94 -11.15 19.05 -12.92
CA MET B 94 -11.95 17.87 -13.24
C MET B 94 -12.03 17.60 -14.74
N ALA B 95 -11.90 16.32 -15.11
CA ALA B 95 -12.10 15.87 -16.49
C ALA B 95 -12.32 14.36 -16.48
N ALA B 96 -13.55 13.94 -16.74
CA ALA B 96 -13.89 12.52 -16.85
C ALA B 96 -13.26 11.89 -18.08
N LEU B 97 -12.98 10.59 -17.96
CA LEU B 97 -12.51 9.80 -19.10
C LEU B 97 -13.57 9.80 -20.21
N GLY B 98 -13.14 10.15 -21.42
CA GLY B 98 -14.03 10.48 -22.51
C GLY B 98 -14.00 11.95 -22.87
N GLU B 99 -13.62 12.80 -21.93
CA GLU B 99 -13.54 14.25 -22.15
C GLU B 99 -12.20 14.81 -21.70
N ILE B 100 -11.16 13.99 -21.71
CA ILE B 100 -9.82 14.46 -21.34
C ILE B 100 -9.10 14.94 -22.60
N SER B 101 -8.71 16.20 -22.59
CA SER B 101 -7.97 16.85 -23.66
C SER B 101 -6.48 16.69 -23.46
N GLU B 102 -5.74 16.77 -24.57
CA GLU B 102 -4.29 16.72 -24.48
C GLU B 102 -3.76 17.87 -23.62
N GLN B 103 -4.46 18.99 -23.60
CA GLN B 103 -4.02 20.11 -22.80
C GLN B 103 -4.28 19.89 -21.32
N HIS B 104 -5.41 19.28 -20.97
CA HIS B 104 -5.66 18.88 -19.57
C HIS B 104 -4.57 17.95 -19.07
N PHE B 105 -4.16 16.99 -19.89
CA PHE B 105 -3.10 16.08 -19.47
C PHE B 105 -1.79 16.82 -19.27
N ASP B 106 -1.35 17.57 -20.29
CA ASP B 106 -0.07 18.26 -20.23
C ASP B 106 -0.03 19.24 -19.05
N ASP B 107 -1.10 20.02 -18.88
CA ASP B 107 -1.12 21.00 -17.81
C ASP B 107 -0.90 20.34 -16.45
N THR B 108 -1.67 19.30 -16.16
CA THR B 108 -1.55 18.60 -14.88
C THR B 108 -0.15 18.04 -14.71
N PHE B 109 0.35 17.30 -15.70
CA PHE B 109 1.60 16.60 -15.49
C PHE B 109 2.82 17.50 -15.58
N GLU B 110 2.73 18.63 -16.28
CA GLU B 110 3.87 19.51 -16.42
C GLU B 110 4.15 20.24 -15.12
N ARG B 111 3.11 20.71 -14.45
CA ARG B 111 3.27 21.41 -13.18
C ARG B 111 3.43 20.41 -12.02
N ASN B 112 2.55 19.41 -11.94
CA ASN B 112 2.49 18.51 -10.79
C ASN B 112 3.66 17.51 -10.76
N VAL B 113 4.23 17.15 -11.91
CA VAL B 113 5.25 16.11 -11.95
C VAL B 113 6.55 16.62 -12.56
N LYS B 114 6.49 17.04 -13.83
CA LYS B 114 7.69 17.53 -14.51
C LYS B 114 8.34 18.68 -13.74
N ALA B 115 7.58 19.70 -13.38
CA ALA B 115 8.17 20.82 -12.65
C ALA B 115 8.79 20.36 -11.33
N VAL B 116 8.19 19.35 -10.68
CA VAL B 116 8.74 18.81 -9.45
C VAL B 116 10.10 18.16 -9.72
N VAL B 117 10.20 17.39 -10.80
CA VAL B 117 11.48 16.76 -11.14
C VAL B 117 12.55 17.83 -11.31
N PHE B 118 12.25 18.89 -12.05
CA PHE B 118 13.29 19.84 -12.37
C PHE B 118 13.48 20.89 -11.30
N THR B 119 12.43 21.19 -10.50
CA THR B 119 12.68 21.96 -9.28
C THR B 119 13.72 21.26 -8.42
N VAL B 120 13.54 19.96 -8.20
CA VAL B 120 14.45 19.20 -7.36
C VAL B 120 15.85 19.17 -7.97
N GLN B 121 15.93 18.90 -9.28
CA GLN B 121 17.23 18.71 -9.90
C GLN B 121 18.06 19.99 -9.87
N LYS B 122 17.45 21.14 -10.17
CA LYS B 122 18.21 22.39 -10.13
C LYS B 122 18.59 22.78 -8.70
N ALA B 123 17.80 22.35 -7.71
CA ALA B 123 18.12 22.71 -6.34
C ALA B 123 19.35 21.98 -5.83
N LEU B 124 19.60 20.76 -6.32
CA LEU B 124 20.60 19.88 -5.73
C LEU B 124 21.97 20.50 -5.51
N PRO B 125 22.54 21.30 -6.43
CA PRO B 125 23.87 21.88 -6.16
C PRO B 125 23.91 22.80 -4.94
N LEU B 126 22.78 23.32 -4.49
CA LEU B 126 22.71 24.19 -3.34
C LEU B 126 22.48 23.45 -2.02
N MET B 127 22.25 22.14 -2.06
CA MET B 127 21.75 21.42 -0.90
C MET B 127 22.88 20.63 -0.25
N PRO B 128 23.20 20.89 1.02
CA PRO B 128 24.28 20.18 1.69
C PRO B 128 23.83 18.82 2.22
N GLN B 129 24.80 18.05 2.69
CA GLN B 129 24.54 16.88 3.52
C GLN B 129 23.56 17.21 4.64
N GLY B 130 22.52 16.39 4.77
CA GLY B 130 21.52 16.59 5.81
C GLY B 130 20.35 17.45 5.39
N ALA B 131 20.36 17.99 4.18
CA ALA B 131 19.21 18.73 3.66
C ALA B 131 17.98 17.82 3.59
N SER B 132 16.81 18.46 3.49
CA SER B 132 15.52 17.78 3.51
C SER B 132 14.64 18.27 2.38
N ILE B 133 14.18 17.35 1.52
CA ILE B 133 13.25 17.65 0.44
C ILE B 133 11.88 17.10 0.78
N ILE B 134 10.84 17.91 0.60
CA ILE B 134 9.46 17.50 0.83
C ILE B 134 8.69 17.68 -0.47
N LEU B 135 8.27 16.59 -1.07
CA LEU B 135 7.36 16.66 -2.20
C LEU B 135 5.94 16.76 -1.69
N ASN B 136 5.10 17.49 -2.43
CA ASN B 136 3.69 17.63 -2.08
C ASN B 136 2.89 16.61 -2.89
N GLY B 137 2.37 15.60 -2.22
CA GLY B 137 1.53 14.60 -2.85
C GLY B 137 0.05 14.90 -2.66
N SER B 138 -0.72 13.86 -2.37
CA SER B 138 -2.17 13.93 -2.21
C SER B 138 -2.72 12.52 -2.00
N ILE B 139 -3.78 12.40 -1.18
CA ILE B 139 -4.46 11.11 -1.10
C ILE B 139 -5.04 10.70 -2.45
N ALA B 140 -5.25 11.66 -3.35
CA ALA B 140 -5.70 11.35 -4.71
C ALA B 140 -4.74 10.41 -5.41
N GLY B 141 -3.47 10.43 -5.00
CA GLY B 141 -2.50 9.54 -5.60
C GLY B 141 -2.69 8.08 -5.25
N SER B 142 -3.46 7.78 -4.20
CA SER B 142 -3.67 6.40 -3.76
C SER B 142 -5.14 6.02 -3.68
N THR B 143 -6.04 6.85 -4.21
CA THR B 143 -7.48 6.61 -4.15
C THR B 143 -8.06 6.81 -5.55
N GLY B 144 -9.34 6.56 -5.69
CA GLY B 144 -10.08 6.83 -6.92
C GLY B 144 -11.09 7.87 -6.73
N THR B 145 -11.12 8.87 -7.63
CA THR B 145 -12.08 9.96 -7.58
C THR B 145 -12.61 10.18 -8.99
N GLN B 146 -13.93 10.17 -9.13
CA GLN B 146 -14.56 10.31 -10.44
C GLN B 146 -14.14 11.64 -11.06
N ALA B 147 -13.68 11.58 -12.30
CA ALA B 147 -13.28 12.74 -13.10
C ALA B 147 -12.02 13.40 -12.59
N PHE B 148 -11.19 12.66 -11.83
CA PHE B 148 -9.89 13.16 -11.39
C PHE B 148 -8.79 12.14 -11.63
N SER B 149 -8.96 11.31 -12.66
CA SER B 149 -7.94 10.33 -12.98
C SER B 149 -6.59 10.99 -13.23
N ILE B 150 -6.56 12.10 -13.98
CA ILE B 150 -5.27 12.67 -14.37
C ILE B 150 -4.54 13.27 -13.17
N TYR B 151 -5.25 14.02 -12.33
CA TYR B 151 -4.66 14.55 -11.10
C TYR B 151 -4.16 13.43 -10.20
N GLY B 152 -5.01 12.42 -9.96
CA GLY B 152 -4.60 11.28 -9.16
C GLY B 152 -3.34 10.66 -9.69
N ALA B 153 -3.31 10.37 -10.99
CA ALA B 153 -2.14 9.81 -11.63
C ALA B 153 -0.90 10.66 -11.38
N SER B 154 -1.05 11.98 -11.46
CA SER B 154 0.12 12.84 -11.27
C SER B 154 0.66 12.76 -9.84
N LYS B 155 -0.23 12.68 -8.85
CA LYS B 155 0.22 12.64 -7.46
C LYS B 155 0.85 11.30 -7.09
N ALA B 156 0.32 10.19 -7.61
CA ALA B 156 0.98 8.89 -7.44
C ALA B 156 2.37 8.90 -8.05
N ALA B 157 2.53 9.58 -9.18
CA ALA B 157 3.86 9.74 -9.77
C ALA B 157 4.80 10.48 -8.81
N VAL B 158 4.28 11.53 -8.16
CA VAL B 158 5.09 12.27 -7.19
C VAL B 158 5.55 11.36 -6.07
N ARG B 159 4.62 10.61 -5.47
CA ARG B 159 4.98 9.71 -4.39
C ARG B 159 6.04 8.72 -4.84
N ALA B 160 5.89 8.19 -6.06
CA ALA B 160 6.85 7.23 -6.58
C ALA B 160 8.24 7.82 -6.72
N LEU B 161 8.33 9.09 -7.18
CA LEU B 161 9.63 9.74 -7.37
C LEU B 161 10.51 9.66 -6.12
N ALA B 162 9.91 9.90 -4.94
CA ALA B 162 10.70 9.91 -3.72
C ALA B 162 11.31 8.54 -3.41
N ARG B 163 10.59 7.45 -3.75
CA ARG B 163 11.10 6.10 -3.48
C ARG B 163 12.45 5.88 -4.14
N SER B 164 12.55 6.18 -5.44
CA SER B 164 13.84 6.03 -6.12
C SER B 164 14.84 7.10 -5.70
N TRP B 165 14.36 8.33 -5.43
CA TRP B 165 15.28 9.41 -5.08
C TRP B 165 15.97 9.15 -3.74
N VAL B 166 15.40 8.31 -2.88
CA VAL B 166 16.15 7.83 -1.72
C VAL B 166 17.53 7.36 -2.14
N LEU B 167 17.58 6.51 -3.16
CA LEU B 167 18.82 5.88 -3.58
C LEU B 167 19.68 6.85 -4.40
N ASP B 168 19.06 7.68 -5.25
CA ASP B 168 19.83 8.66 -6.03
C ASP B 168 20.53 9.65 -5.14
N LEU B 169 19.94 10.00 -4.00
CA LEU B 169 20.44 11.04 -3.11
C LEU B 169 21.21 10.51 -1.92
N LYS B 170 21.39 9.19 -1.83
CA LYS B 170 22.11 8.58 -0.71
C LYS B 170 23.49 9.21 -0.52
N GLU B 171 24.32 9.20 -1.58
CA GLU B 171 25.67 9.76 -1.50
C GLU B 171 25.67 11.22 -1.06
N ARG B 172 24.65 11.98 -1.46
CA ARG B 172 24.50 13.39 -1.13
C ARG B 172 24.01 13.62 0.30
N GLY B 173 23.51 12.58 0.97
CA GLY B 173 22.99 12.78 2.31
C GLY B 173 21.72 13.60 2.38
N ILE B 174 20.90 13.61 1.33
CA ILE B 174 19.68 14.41 1.29
C ILE B 174 18.49 13.46 1.35
N ARG B 175 17.60 13.67 2.31
CA ARG B 175 16.41 12.80 2.38
C ARG B 175 15.23 13.45 1.65
N VAL B 176 14.34 12.59 1.14
CA VAL B 176 13.19 12.97 0.33
C VAL B 176 11.96 12.31 0.91
N ASN B 177 10.97 13.10 1.30
CA ASN B 177 9.72 12.53 1.80
C ASN B 177 8.55 13.27 1.17
N VAL B 178 7.36 12.72 1.38
CA VAL B 178 6.15 13.21 0.72
C VAL B 178 5.12 13.50 1.78
N VAL B 179 4.61 14.73 1.79
CA VAL B 179 3.41 15.04 2.53
C VAL B 179 2.24 14.89 1.58
N SER B 180 1.24 14.10 1.97
CA SER B 180 0.03 13.88 1.16
C SER B 180 -1.17 14.44 1.91
N PRO B 181 -1.59 15.66 1.62
CA PRO B 181 -2.78 16.19 2.27
C PRO B 181 -4.04 15.52 1.76
N GLY B 182 -5.05 15.43 2.64
CA GLY B 182 -6.44 15.29 2.24
C GLY B 182 -7.02 16.67 1.97
N SER B 183 -8.34 16.79 2.12
CA SER B 183 -9.01 18.02 1.74
C SER B 183 -8.64 19.15 2.69
N THR B 184 -8.03 20.20 2.14
CA THR B 184 -7.49 21.32 2.89
C THR B 184 -8.07 22.62 2.35
N ARG B 185 -8.57 23.47 3.24
CA ARG B 185 -9.32 24.65 2.83
C ARG B 185 -8.43 25.67 2.16
N THR B 186 -8.31 25.61 0.83
CA THR B 186 -7.54 26.58 0.07
C THR B 186 -8.39 27.17 -1.04
N ILE B 187 -7.91 28.27 -1.62
CA ILE B 187 -8.58 28.80 -2.82
C ILE B 187 -8.63 27.73 -3.89
N GLY B 188 -7.48 27.11 -4.17
CA GLY B 188 -7.39 25.94 -5.02
C GLY B 188 -8.56 25.00 -4.89
N LEU B 189 -8.79 24.47 -3.69
CA LEU B 189 -9.89 23.54 -3.50
C LEU B 189 -11.23 24.21 -3.80
N ALA B 190 -11.43 25.41 -3.24
CA ALA B 190 -12.68 26.13 -3.41
C ALA B 190 -13.02 26.34 -4.89
N GLU B 191 -12.01 26.66 -5.72
CA GLU B 191 -12.26 26.94 -7.14
C GLU B 191 -12.90 25.75 -7.86
N LEU B 192 -12.69 24.52 -7.37
CA LEU B 192 -13.33 23.35 -7.96
C LEU B 192 -14.86 23.47 -7.95
N GLY B 193 -15.41 24.28 -7.05
CA GLY B 193 -16.83 24.58 -7.02
C GLY B 193 -17.27 25.60 -8.06
N GLY B 194 -16.34 26.17 -8.81
CA GLY B 194 -16.65 27.26 -9.71
C GLY B 194 -16.35 28.61 -9.09
N ASP B 195 -16.84 29.64 -9.78
CA ASP B 195 -16.56 31.02 -9.38
C ASP B 195 -17.65 31.63 -8.49
N THR B 196 -18.80 30.98 -8.38
CA THR B 196 -19.87 31.52 -7.53
C THR B 196 -19.60 31.13 -6.08
N GLN B 197 -19.94 32.04 -5.17
CA GLN B 197 -19.74 31.76 -3.76
C GLN B 197 -20.58 30.58 -3.30
N GLU B 198 -21.82 30.48 -3.78
CA GLU B 198 -22.68 29.36 -3.43
C GLU B 198 -22.04 28.03 -3.81
N GLY B 199 -21.54 27.93 -5.05
CA GLY B 199 -20.97 26.68 -5.52
C GLY B 199 -19.69 26.27 -4.79
N GLN B 200 -18.83 27.25 -4.49
CA GLN B 200 -17.64 26.96 -3.70
C GLN B 200 -18.02 26.48 -2.31
N ASP B 201 -18.98 27.15 -1.67
CA ASP B 201 -19.40 26.73 -0.33
C ASP B 201 -19.98 25.33 -0.35
N GLY B 202 -20.81 25.02 -1.34
CA GLY B 202 -21.38 23.68 -1.45
C GLY B 202 -20.31 22.60 -1.54
N LEU B 203 -19.36 22.78 -2.45
CA LEU B 203 -18.27 21.82 -2.61
C LEU B 203 -17.48 21.65 -1.32
N LEU B 204 -17.12 22.76 -0.66
CA LEU B 204 -16.33 22.70 0.56
C LEU B 204 -17.06 21.93 1.66
N ALA B 205 -18.38 22.06 1.74
CA ALA B 205 -19.13 21.31 2.75
C ALA B 205 -19.27 19.85 2.37
N TYR B 206 -19.39 19.56 1.08
CA TYR B 206 -19.44 18.17 0.63
C TYR B 206 -18.13 17.46 0.93
N LEU B 207 -17.00 18.09 0.61
CA LEU B 207 -15.71 17.47 0.90
C LEU B 207 -15.47 17.34 2.40
N ALA B 208 -16.06 18.23 3.22
CA ALA B 208 -15.92 18.08 4.67
C ALA B 208 -16.68 16.86 5.17
N SER B 209 -17.79 16.52 4.51
CA SER B 209 -18.56 15.34 4.89
C SER B 209 -17.87 14.04 4.47
N LEU B 210 -16.90 14.11 3.56
CA LEU B 210 -16.13 12.92 3.21
C LEU B 210 -15.03 12.61 4.22
N VAL B 211 -14.64 13.57 5.05
CA VAL B 211 -13.57 13.35 6.03
C VAL B 211 -14.15 12.73 7.28
N PRO B 212 -13.60 11.60 7.76
CA PRO B 212 -14.11 10.97 8.99
C PRO B 212 -14.25 11.91 10.15
N ILE B 213 -13.28 12.79 10.39
CA ILE B 213 -13.40 13.74 11.50
C ILE B 213 -14.30 14.92 11.16
N GLY B 214 -14.87 14.95 9.96
CA GLY B 214 -15.95 15.87 9.61
C GLY B 214 -15.57 17.30 9.35
N ARG B 215 -14.31 17.59 9.05
CA ARG B 215 -13.91 18.95 8.75
C ARG B 215 -12.77 18.94 7.72
N LEU B 216 -12.64 20.05 7.00
CA LEU B 216 -11.47 20.25 6.16
C LEU B 216 -10.28 20.62 7.04
N ALA B 217 -9.08 20.39 6.53
CA ALA B 217 -7.90 20.87 7.23
C ALA B 217 -7.73 22.36 6.99
N ASP B 218 -7.30 23.06 8.04
CA ASP B 218 -6.71 24.37 7.84
C ASP B 218 -5.31 24.20 7.25
N PRO B 219 -4.91 25.04 6.30
CA PRO B 219 -3.57 24.90 5.67
C PRO B 219 -2.44 24.83 6.68
N SER B 220 -2.59 25.45 7.86
CA SER B 220 -1.55 25.34 8.89
C SER B 220 -1.37 23.90 9.37
N GLU B 221 -2.43 23.08 9.31
CA GLU B 221 -2.31 21.71 9.79
C GLU B 221 -1.47 20.85 8.86
N ILE B 222 -1.50 21.17 7.56
CA ILE B 222 -0.58 20.55 6.63
C ILE B 222 0.83 21.08 6.82
N ALA B 223 0.94 22.38 7.06
CA ALA B 223 2.25 23.02 7.23
C ALA B 223 3.06 22.37 8.35
N LYS B 224 2.40 22.04 9.47
CA LYS B 224 3.11 21.43 10.60
C LYS B 224 3.81 20.15 10.19
N VAL B 225 3.19 19.40 9.28
CA VAL B 225 3.82 18.19 8.77
C VAL B 225 5.08 18.53 8.00
N VAL B 226 5.00 19.54 7.11
CA VAL B 226 6.16 19.93 6.32
C VAL B 226 7.29 20.40 7.24
N SER B 227 6.96 21.22 8.23
CA SER B 227 8.00 21.71 9.14
C SER B 227 8.67 20.53 9.89
N PHE B 228 7.87 19.54 10.30
CA PHE B 228 8.43 18.38 10.96
C PHE B 228 9.44 17.68 10.08
N LEU B 229 9.06 17.39 8.82
CA LEU B 229 9.97 16.78 7.85
C LEU B 229 11.19 17.65 7.59
N ALA B 230 11.01 18.96 7.65
CA ALA B 230 12.11 19.89 7.40
C ALA B 230 13.12 19.86 8.53
N SER B 231 12.67 19.63 9.76
CA SER B 231 13.52 19.61 10.94
C SER B 231 14.37 18.34 11.01
N ASP B 232 15.34 18.35 11.91
CA ASP B 232 16.22 17.21 12.09
C ASP B 232 15.52 16.03 12.79
N ASP B 233 14.32 16.23 13.32
CA ASP B 233 13.55 15.13 13.91
C ASP B 233 13.25 14.04 12.88
N SER B 234 13.15 14.40 11.60
CA SER B 234 12.88 13.43 10.55
C SER B 234 14.14 12.76 10.04
N SER B 235 15.22 12.79 10.82
CA SER B 235 16.51 12.31 10.32
C SER B 235 16.52 10.84 9.92
N PHE B 236 15.59 10.02 10.42
CA PHE B 236 15.51 8.63 10.01
C PHE B 236 14.31 8.33 9.11
N ILE B 237 13.65 9.37 8.61
CA ILE B 237 12.56 9.24 7.64
C ILE B 237 13.12 9.50 6.25
N ASN B 238 12.92 8.57 5.32
CA ASN B 238 13.42 8.74 3.95
C ASN B 238 12.56 7.95 2.98
N GLY B 239 12.08 8.63 1.93
CA GLY B 239 11.19 8.01 0.96
C GLY B 239 9.77 7.75 1.44
N ALA B 240 9.39 8.32 2.57
CA ALA B 240 8.12 8.00 3.22
C ALA B 240 7.03 8.96 2.80
N GLU B 241 5.79 8.49 2.91
CA GLU B 241 4.61 9.30 2.69
C GLU B 241 3.92 9.53 4.03
N ILE B 242 3.85 10.79 4.44
CA ILE B 242 3.10 11.21 5.63
C ILE B 242 1.77 11.76 5.13
N THR B 243 0.69 11.09 5.47
CA THR B 243 -0.63 11.48 5.01
C THR B 243 -1.36 12.21 6.12
N ALA B 244 -1.70 13.46 5.89
CA ALA B 244 -2.53 14.25 6.81
C ALA B 244 -3.89 14.43 6.15
N ASP B 245 -4.83 13.54 6.46
CA ASP B 245 -6.09 13.50 5.74
C ASP B 245 -7.32 13.38 6.64
N GLY B 246 -7.17 13.61 7.94
CA GLY B 246 -8.29 13.42 8.84
C GLY B 246 -8.89 12.02 8.84
N GLY B 247 -8.19 11.03 8.25
CA GLY B 247 -8.65 9.65 8.20
C GLY B 247 -9.13 9.13 6.86
N GLN B 248 -9.30 10.00 5.86
CA GLN B 248 -10.14 9.66 4.71
C GLN B 248 -9.58 8.50 3.89
N ALA B 249 -8.29 8.55 3.57
CA ALA B 249 -7.64 7.50 2.76
C ALA B 249 -7.18 6.34 3.63
N GLN B 250 -7.10 6.52 4.95
CA GLN B 250 -6.77 5.38 5.81
C GLN B 250 -7.96 4.46 6.08
N VAL B 251 -9.20 4.94 5.97
CA VAL B 251 -10.35 4.09 6.24
C VAL B 251 -10.72 3.28 4.99
N LYS C 3 -9.88 -29.11 -17.36
CA LYS C 3 -8.71 -29.98 -17.24
C LYS C 3 -7.47 -29.19 -16.77
N ARG C 4 -7.66 -28.01 -16.14
CA ARG C 4 -6.53 -27.19 -15.68
C ARG C 4 -5.86 -27.81 -14.47
N LEU C 5 -6.66 -28.22 -13.49
CA LEU C 5 -6.11 -28.74 -12.22
C LEU C 5 -6.25 -30.27 -12.22
N GLU C 6 -6.25 -30.87 -13.40
CA GLU C 6 -6.33 -32.35 -13.48
C GLU C 6 -5.06 -32.93 -12.85
N GLY C 7 -5.19 -34.02 -12.09
CA GLY C 7 -4.04 -34.62 -11.41
C GLY C 7 -3.53 -33.75 -10.27
N LYS C 8 -4.38 -32.88 -9.73
CA LYS C 8 -3.97 -32.06 -8.56
C LYS C 8 -4.84 -32.37 -7.35
N VAL C 9 -4.25 -32.45 -6.16
CA VAL C 9 -5.05 -32.66 -4.94
C VAL C 9 -5.17 -31.32 -4.23
N ALA C 10 -6.40 -30.89 -3.96
CA ALA C 10 -6.67 -29.59 -3.33
C ALA C 10 -7.46 -29.75 -2.03
N LEU C 11 -7.08 -28.98 -1.01
CA LEU C 11 -7.78 -28.91 0.27
C LEU C 11 -8.37 -27.51 0.47
N VAL C 12 -9.66 -27.45 0.81
CA VAL C 12 -10.35 -26.22 1.17
C VAL C 12 -10.87 -26.40 2.59
N THR C 13 -10.28 -25.70 3.55
CA THR C 13 -10.85 -25.68 4.89
C THR C 13 -12.12 -24.86 4.86
N GLY C 14 -13.15 -25.33 5.56
CA GLY C 14 -14.41 -24.62 5.55
C GLY C 14 -15.05 -24.56 4.17
N GLY C 15 -15.22 -25.71 3.53
CA GLY C 15 -15.74 -25.79 2.18
C GLY C 15 -17.20 -26.19 2.06
N THR C 16 -17.97 -26.06 3.14
CA THR C 16 -19.35 -26.50 3.13
C THR C 16 -20.35 -25.37 2.90
N SER C 17 -19.88 -24.13 2.78
CA SER C 17 -20.77 -23.01 2.55
C SER C 17 -19.99 -21.90 1.86
N GLY C 18 -20.74 -20.98 1.24
CA GLY C 18 -20.21 -19.70 0.81
C GLY C 18 -19.04 -19.80 -0.15
N ILE C 19 -17.97 -19.08 0.17
CA ILE C 19 -16.82 -19.01 -0.71
C ILE C 19 -16.09 -20.34 -0.77
N GLY C 20 -15.91 -21.02 0.37
CA GLY C 20 -15.28 -22.33 0.36
C GLY C 20 -16.01 -23.34 -0.53
N LEU C 21 -17.33 -23.35 -0.44
CA LEU C 21 -18.11 -24.30 -1.23
C LEU C 21 -17.97 -24.02 -2.71
N ALA C 22 -18.21 -22.78 -3.13
CA ALA C 22 -18.03 -22.39 -4.52
C ALA C 22 -16.61 -22.68 -5.00
N THR C 23 -15.61 -22.43 -4.15
CA THR C 23 -14.25 -22.69 -4.58
C THR C 23 -14.03 -24.19 -4.79
N ALA C 24 -14.54 -25.01 -3.87
CA ALA C 24 -14.43 -26.45 -4.03
C ALA C 24 -15.09 -26.89 -5.32
N LYS C 25 -16.29 -26.35 -5.61
CA LYS C 25 -16.97 -26.67 -6.87
C LYS C 25 -16.11 -26.29 -8.08
N ASP C 26 -15.57 -25.07 -8.09
CA ASP C 26 -14.80 -24.62 -9.24
C ASP C 26 -13.50 -25.40 -9.40
N LEU C 27 -12.76 -25.61 -8.30
CA LEU C 27 -11.53 -26.38 -8.37
C LEU C 27 -11.82 -27.76 -8.92
N ALA C 28 -12.85 -28.33 -8.38
CA ALA C 28 -13.28 -29.64 -8.84
C ALA C 28 -13.72 -29.63 -10.30
N ALA C 29 -14.40 -28.57 -10.73
CA ALA C 29 -14.79 -28.50 -12.12
C ALA C 29 -13.56 -28.40 -13.04
N GLN C 30 -12.38 -28.11 -12.49
CA GLN C 30 -11.11 -28.16 -13.24
C GLN C 30 -10.41 -29.48 -13.16
N GLY C 31 -11.00 -30.49 -12.54
CA GLY C 31 -10.34 -31.78 -12.55
C GLY C 31 -9.62 -32.11 -11.26
N ALA C 32 -9.68 -31.22 -10.27
CA ALA C 32 -8.94 -31.43 -9.04
C ALA C 32 -9.65 -32.44 -8.16
N ARG C 33 -8.85 -33.20 -7.43
CA ARG C 33 -9.30 -34.00 -6.30
C ARG C 33 -9.40 -33.07 -5.11
N VAL C 34 -10.59 -32.88 -4.55
CA VAL C 34 -10.84 -31.85 -3.54
C VAL C 34 -11.19 -32.52 -2.21
N ILE C 35 -10.56 -32.04 -1.13
CA ILE C 35 -10.96 -32.36 0.24
C ILE C 35 -11.55 -31.10 0.87
N ILE C 36 -12.74 -31.22 1.44
CA ILE C 36 -13.37 -30.11 2.15
C ILE C 36 -13.54 -30.48 3.61
N THR C 37 -13.57 -29.46 4.47
CA THR C 37 -13.80 -29.64 5.89
C THR C 37 -14.90 -28.70 6.38
N GLY C 38 -15.32 -28.94 7.61
CA GLY C 38 -16.39 -28.18 8.23
C GLY C 38 -16.65 -28.74 9.61
N ARG C 39 -17.23 -27.88 10.46
CA ARG C 39 -17.51 -28.32 11.82
C ARG C 39 -18.80 -29.13 11.93
N ARG C 40 -19.83 -28.83 11.14
CA ARG C 40 -21.13 -29.49 11.24
C ARG C 40 -21.20 -30.65 10.26
N GLN C 41 -21.53 -31.85 10.78
CA GLN C 41 -21.55 -33.05 9.94
C GLN C 41 -22.61 -32.97 8.87
N ALA C 42 -23.81 -32.53 9.22
CA ALA C 42 -24.92 -32.48 8.27
C ALA C 42 -24.56 -31.63 7.05
N GLU C 43 -24.18 -30.38 7.29
CA GLU C 43 -23.81 -29.50 6.19
C GLU C 43 -22.62 -30.06 5.39
N LEU C 44 -21.68 -30.71 6.08
CA LEU C 44 -20.57 -31.34 5.37
C LEU C 44 -21.06 -32.45 4.44
N ASP C 45 -21.87 -33.37 4.98
CA ASP C 45 -22.43 -34.45 4.16
C ASP C 45 -23.19 -33.87 2.98
N GLN C 46 -23.95 -32.81 3.24
CA GLN C 46 -24.83 -32.19 2.26
C GLN C 46 -23.99 -31.61 1.12
N ALA C 47 -22.89 -30.91 1.47
CA ALA C 47 -21.99 -30.34 0.46
C ALA C 47 -21.29 -31.43 -0.35
N VAL C 48 -20.83 -32.48 0.32
CA VAL C 48 -20.13 -33.55 -0.39
C VAL C 48 -21.05 -34.21 -1.40
N ALA C 49 -22.33 -34.35 -1.05
CA ALA C 49 -23.28 -34.97 -1.97
C ALA C 49 -23.56 -34.05 -3.15
N ALA C 50 -23.79 -32.77 -2.86
CA ALA C 50 -24.04 -31.80 -3.92
C ALA C 50 -22.86 -31.69 -4.89
N LEU C 51 -21.64 -31.79 -4.37
CA LEU C 51 -20.48 -31.58 -5.23
C LEU C 51 -20.17 -32.79 -6.10
N GLY C 52 -20.49 -33.99 -5.62
CA GLY C 52 -20.14 -35.22 -6.29
C GLY C 52 -18.67 -35.22 -6.61
N GLN C 53 -18.36 -35.48 -7.88
CA GLN C 53 -17.00 -35.29 -8.37
C GLN C 53 -15.82 -35.79 -7.56
N GLY C 54 -15.94 -36.92 -6.87
CA GLY C 54 -14.80 -37.39 -6.11
C GLY C 54 -14.35 -36.36 -5.09
N VAL C 55 -15.26 -35.53 -4.61
CA VAL C 55 -14.94 -34.67 -3.48
C VAL C 55 -15.13 -35.48 -2.22
N ARG C 56 -14.34 -35.18 -1.21
CA ARG C 56 -14.31 -35.94 0.02
C ARG C 56 -14.36 -34.95 1.16
N GLY C 57 -15.15 -35.27 2.18
CA GLY C 57 -15.35 -34.40 3.33
C GLY C 57 -14.72 -34.99 4.59
N VAL C 58 -14.27 -34.10 5.48
CA VAL C 58 -13.79 -34.48 6.80
C VAL C 58 -14.35 -33.47 7.79
N ARG C 59 -15.00 -33.95 8.84
CA ARG C 59 -15.40 -33.08 9.95
C ARG C 59 -14.18 -32.76 10.79
N SER C 60 -13.76 -31.48 10.79
CA SER C 60 -12.65 -31.05 11.63
C SER C 60 -12.73 -29.54 11.83
N ASP C 61 -12.34 -29.11 13.01
CA ASP C 61 -12.27 -27.70 13.39
C ASP C 61 -10.83 -27.23 13.21
N VAL C 62 -10.64 -26.17 12.41
CA VAL C 62 -9.28 -25.69 12.14
C VAL C 62 -8.62 -25.12 13.38
N THR C 63 -9.39 -24.71 14.38
CA THR C 63 -8.82 -24.20 15.63
C THR C 63 -8.38 -25.32 16.58
N ARG C 64 -8.64 -26.58 16.23
CA ARG C 64 -8.24 -27.72 17.05
C ARG C 64 -7.00 -28.37 16.42
N SER C 65 -5.89 -28.31 17.15
CA SER C 65 -4.64 -28.88 16.65
C SER C 65 -4.81 -30.34 16.26
N ALA C 66 -5.52 -31.11 17.09
CA ALA C 66 -5.71 -32.52 16.83
C ALA C 66 -6.56 -32.75 15.59
N ASP C 67 -7.59 -31.90 15.39
CA ASP C 67 -8.39 -32.00 14.17
C ASP C 67 -7.53 -31.80 12.94
N LEU C 68 -6.67 -30.78 12.95
CA LEU C 68 -5.74 -30.57 11.85
C LEU C 68 -4.86 -31.80 11.62
N ASP C 69 -4.31 -32.36 12.70
CA ASP C 69 -3.49 -33.56 12.56
C ASP C 69 -4.29 -34.67 11.90
N ALA C 70 -5.52 -34.87 12.35
CA ALA C 70 -6.38 -35.91 11.80
C ALA C 70 -6.71 -35.64 10.33
N LEU C 71 -7.03 -34.39 10.01
CA LEU C 71 -7.29 -34.01 8.61
C LEU C 71 -6.13 -34.41 7.72
N PHE C 72 -4.91 -34.06 8.12
CA PHE C 72 -3.79 -34.32 7.24
C PHE C 72 -3.37 -35.78 7.23
N GLU C 73 -3.58 -36.51 8.33
CA GLU C 73 -3.33 -37.94 8.27
C GLU C 73 -4.25 -38.60 7.25
N THR C 74 -5.51 -38.18 7.22
CA THR C 74 -6.47 -38.64 6.23
C THR C 74 -5.97 -38.41 4.80
N ILE C 75 -5.35 -37.25 4.54
CA ILE C 75 -4.86 -36.97 3.18
C ILE C 75 -3.65 -37.84 2.89
N ARG C 76 -2.73 -37.97 3.86
CA ARG C 76 -1.57 -38.82 3.68
C ARG C 76 -2.00 -40.26 3.36
N ALA C 77 -3.05 -40.75 4.03
CA ALA C 77 -3.48 -42.13 3.84
C ALA C 77 -4.22 -42.32 2.52
N THR C 78 -4.98 -41.31 2.08
CA THR C 78 -5.78 -41.46 0.86
C THR C 78 -5.05 -40.99 -0.38
N GLU C 79 -4.88 -39.67 -0.52
CA GLU C 79 -4.35 -39.10 -1.76
C GLU C 79 -2.83 -39.11 -1.79
N GLY C 80 -2.17 -39.03 -0.63
CA GLY C 80 -0.74 -39.13 -0.60
C GLY C 80 0.02 -37.85 -0.87
N ARG C 81 -0.66 -36.75 -1.18
CA ARG C 81 0.01 -35.46 -1.43
C ARG C 81 -1.02 -34.35 -1.44
N LEU C 82 -0.53 -33.11 -1.39
CA LEU C 82 -1.39 -31.92 -1.48
C LEU C 82 -0.77 -30.89 -2.43
N ASP C 83 -1.51 -30.55 -3.49
CA ASP C 83 -1.01 -29.61 -4.47
C ASP C 83 -1.52 -28.19 -4.26
N VAL C 84 -2.73 -28.03 -3.75
CA VAL C 84 -3.41 -26.76 -3.63
C VAL C 84 -4.03 -26.68 -2.23
N LEU C 85 -3.81 -25.58 -1.54
CA LEU C 85 -4.33 -25.36 -0.20
C LEU C 85 -5.05 -24.01 -0.17
N PHE C 86 -6.33 -24.03 0.16
CA PHE C 86 -7.11 -22.81 0.33
C PHE C 86 -7.55 -22.75 1.79
N THR C 87 -6.91 -21.88 2.59
CA THR C 87 -7.24 -21.75 4.01
C THR C 87 -8.47 -20.85 4.16
N ASN C 88 -9.61 -21.39 3.76
CA ASN C 88 -10.81 -20.58 3.65
C ASN C 88 -11.49 -20.34 5.00
N ALA C 89 -11.44 -21.29 5.93
CA ALA C 89 -12.23 -21.19 7.17
C ALA C 89 -11.91 -19.90 7.92
N GLY C 90 -12.95 -19.13 8.21
CA GLY C 90 -12.78 -17.82 8.82
C GLY C 90 -14.13 -17.20 9.09
N GLY C 91 -14.10 -16.07 9.79
CA GLY C 91 -15.32 -15.35 10.08
C GLY C 91 -15.02 -14.11 10.88
N GLY C 92 -16.10 -13.43 11.28
CA GLY C 92 -15.96 -12.19 12.02
C GLY C 92 -17.30 -11.72 12.54
N SER C 93 -17.24 -10.87 13.56
CA SER C 93 -18.42 -10.25 14.12
C SER C 93 -18.13 -8.80 14.46
N MET C 94 -19.20 -8.07 14.76
CA MET C 94 -19.13 -6.65 15.08
C MET C 94 -18.86 -6.41 16.57
N ALA C 95 -17.91 -5.52 16.86
CA ALA C 95 -17.62 -5.10 18.23
C ALA C 95 -16.82 -3.80 18.17
N ALA C 96 -17.45 -2.70 18.55
CA ALA C 96 -16.76 -1.41 18.61
C ALA C 96 -15.75 -1.37 19.75
N LEU C 97 -14.69 -0.59 19.53
CA LEU C 97 -13.74 -0.31 20.59
C LEU C 97 -14.43 0.36 21.77
N GLY C 98 -14.22 -0.17 22.97
CA GLY C 98 -15.03 0.15 24.12
C GLY C 98 -15.92 -0.98 24.56
N GLU C 99 -16.25 -1.90 23.64
CA GLU C 99 -17.05 -3.06 24.00
C GLU C 99 -16.44 -4.34 23.41
N ILE C 100 -15.12 -4.39 23.26
CA ILE C 100 -14.45 -5.58 22.78
C ILE C 100 -14.15 -6.50 23.96
N SER C 101 -14.66 -7.71 23.90
CA SER C 101 -14.43 -8.70 24.93
C SER C 101 -13.19 -9.53 24.59
N GLU C 102 -12.61 -10.13 25.64
CA GLU C 102 -11.47 -10.99 25.41
C GLU C 102 -11.85 -12.16 24.52
N GLN C 103 -13.09 -12.62 24.62
CA GLN C 103 -13.51 -13.77 23.83
C GLN C 103 -13.66 -13.37 22.37
N HIS C 104 -14.19 -12.16 22.14
CA HIS C 104 -14.26 -11.64 20.78
C HIS C 104 -12.88 -11.61 20.14
N PHE C 105 -11.86 -11.15 20.86
CA PHE C 105 -10.52 -11.14 20.30
C PHE C 105 -10.03 -12.56 20.03
N ASP C 106 -10.07 -13.43 21.04
CA ASP C 106 -9.50 -14.76 20.92
C ASP C 106 -10.16 -15.56 19.80
N ASP C 107 -11.50 -15.54 19.75
CA ASP C 107 -12.21 -16.30 18.73
C ASP C 107 -11.81 -15.85 17.33
N THR C 108 -11.80 -14.54 17.10
CA THR C 108 -11.43 -14.03 15.78
C THR C 108 -10.03 -14.46 15.41
N PHE C 109 -9.05 -14.18 16.28
CA PHE C 109 -7.66 -14.40 15.91
C PHE C 109 -7.28 -15.87 15.91
N GLU C 110 -8.00 -16.69 16.67
CA GLU C 110 -7.68 -18.11 16.70
C GLU C 110 -8.07 -18.79 15.39
N ARG C 111 -9.25 -18.46 14.86
CA ARG C 111 -9.70 -19.05 13.61
C ARG C 111 -9.10 -18.35 12.40
N ASN C 112 -9.14 -17.00 12.37
CA ASN C 112 -8.73 -16.27 11.18
C ASN C 112 -7.22 -16.23 10.98
N VAL C 113 -6.43 -16.36 12.05
CA VAL C 113 -4.98 -16.17 11.95
C VAL C 113 -4.21 -17.40 12.44
N LYS C 114 -4.37 -17.72 13.73
CA LYS C 114 -3.67 -18.88 14.30
C LYS C 114 -3.94 -20.16 13.50
N ALA C 115 -5.21 -20.45 13.21
CA ALA C 115 -5.54 -21.68 12.47
C ALA C 115 -4.92 -21.70 11.08
N VAL C 116 -4.81 -20.51 10.45
CA VAL C 116 -4.16 -20.43 9.14
C VAL C 116 -2.69 -20.80 9.25
N VAL C 117 -2.02 -20.27 10.28
CA VAL C 117 -0.61 -20.62 10.49
C VAL C 117 -0.46 -22.12 10.62
N PHE C 118 -1.32 -22.74 11.42
CA PHE C 118 -1.11 -24.16 11.66
C PHE C 118 -1.71 -25.05 10.59
N THR C 119 -2.75 -24.61 9.88
CA THR C 119 -3.13 -25.35 8.67
C THR C 119 -1.97 -25.44 7.69
N VAL C 120 -1.30 -24.30 7.42
CA VAL C 120 -0.20 -24.28 6.46
C VAL C 120 0.95 -25.15 6.95
N GLN C 121 1.32 -25.01 8.22
CA GLN C 121 2.47 -25.74 8.73
C GLN C 121 2.23 -27.25 8.69
N LYS C 122 1.05 -27.71 9.12
CA LYS C 122 0.79 -29.16 9.08
C LYS C 122 0.70 -29.68 7.65
N ALA C 123 0.30 -28.84 6.70
CA ALA C 123 0.19 -29.29 5.32
C ALA C 123 1.56 -29.51 4.68
N LEU C 124 2.57 -28.77 5.14
CA LEU C 124 3.83 -28.69 4.40
C LEU C 124 4.43 -30.04 4.06
N PRO C 125 4.46 -31.05 4.94
CA PRO C 125 5.06 -32.33 4.55
C PRO C 125 4.38 -33.01 3.36
N LEU C 126 3.15 -32.63 3.02
CA LEU C 126 2.45 -33.22 1.89
C LEU C 126 2.62 -32.46 0.58
N MET C 127 3.28 -31.28 0.59
CA MET C 127 3.23 -30.38 -0.57
C MET C 127 4.53 -30.44 -1.35
N PRO C 128 4.48 -30.85 -2.61
CA PRO C 128 5.70 -30.99 -3.41
C PRO C 128 6.15 -29.64 -3.97
N GLN C 129 7.34 -29.64 -4.55
CA GLN C 129 7.81 -28.52 -5.36
C GLN C 129 6.73 -28.11 -6.36
N GLY C 130 6.42 -26.82 -6.39
CA GLY C 130 5.43 -26.28 -7.30
C GLY C 130 4.01 -26.19 -6.76
N ALA C 131 3.76 -26.65 -5.54
CA ALA C 131 2.45 -26.50 -4.91
C ALA C 131 2.08 -25.02 -4.75
N SER C 132 0.78 -24.78 -4.52
CA SER C 132 0.23 -23.43 -4.44
C SER C 132 -0.63 -23.31 -3.18
N ILE C 133 -0.34 -22.31 -2.35
CA ILE C 133 -1.13 -22.01 -1.17
C ILE C 133 -1.88 -20.71 -1.41
N ILE C 134 -3.18 -20.70 -1.06
CA ILE C 134 -4.00 -19.50 -1.15
C ILE C 134 -4.57 -19.18 0.23
N LEU C 135 -4.17 -18.06 0.80
CA LEU C 135 -4.81 -17.57 2.01
C LEU C 135 -6.03 -16.73 1.67
N ASN C 136 -7.04 -16.78 2.54
CA ASN C 136 -8.24 -15.98 2.37
C ASN C 136 -8.13 -14.70 3.21
N GLY C 137 -7.93 -13.57 2.54
CA GLY C 137 -7.86 -12.28 3.22
C GLY C 137 -9.19 -11.57 3.20
N SER C 138 -9.14 -10.26 2.95
CA SER C 138 -10.32 -9.38 2.87
C SER C 138 -9.86 -7.93 2.72
N ILE C 139 -10.64 -7.13 1.99
CA ILE C 139 -10.37 -5.69 1.95
C ILE C 139 -10.44 -5.05 3.33
N ALA C 140 -11.09 -5.70 4.29
CA ALA C 140 -11.08 -5.23 5.67
C ALA C 140 -9.67 -5.12 6.22
N GLY C 141 -8.74 -5.93 5.72
CA GLY C 141 -7.37 -5.89 6.20
C GLY C 141 -6.61 -4.63 5.83
N SER C 142 -7.09 -3.89 4.83
CA SER C 142 -6.41 -2.69 4.33
C SER C 142 -7.30 -1.44 4.37
N THR C 143 -8.46 -1.52 5.01
CA THR C 143 -9.42 -0.44 5.16
C THR C 143 -9.87 -0.38 6.62
N GLY C 144 -10.63 0.66 6.96
CA GLY C 144 -11.23 0.80 8.27
C GLY C 144 -12.73 0.71 8.18
N THR C 145 -13.32 -0.10 9.06
CA THR C 145 -14.76 -0.26 9.11
C THR C 145 -15.18 -0.21 10.58
N GLN C 146 -16.11 0.68 10.90
CA GLN C 146 -16.52 0.91 12.27
C GLN C 146 -17.03 -0.39 12.91
N ALA C 147 -16.49 -0.69 14.10
CA ALA C 147 -16.87 -1.86 14.88
C ALA C 147 -16.39 -3.15 14.25
N PHE C 148 -15.37 -3.10 13.40
CA PHE C 148 -14.77 -4.32 12.86
C PHE C 148 -13.25 -4.28 12.97
N SER C 149 -12.72 -3.59 13.97
CA SER C 149 -11.27 -3.52 14.13
C SER C 149 -10.65 -4.90 14.26
N ILE C 150 -11.25 -5.78 15.07
CA ILE C 150 -10.59 -7.06 15.33
C ILE C 150 -10.59 -7.92 14.08
N TYR C 151 -11.71 -7.95 13.36
CA TYR C 151 -11.75 -8.64 12.08
C TYR C 151 -10.74 -8.05 11.09
N GLY C 152 -10.73 -6.72 10.97
CA GLY C 152 -9.75 -6.10 10.09
C GLY C 152 -8.33 -6.48 10.43
N ALA C 153 -7.94 -6.28 11.69
CA ALA C 153 -6.58 -6.64 12.12
C ALA C 153 -6.26 -8.07 11.78
N SER C 154 -7.21 -8.99 11.96
CA SER C 154 -6.91 -10.39 11.69
C SER C 154 -6.66 -10.61 10.21
N LYS C 155 -7.40 -9.92 9.34
CA LYS C 155 -7.21 -10.15 7.92
C LYS C 155 -5.91 -9.51 7.44
N ALA C 156 -5.54 -8.36 8.01
CA ALA C 156 -4.24 -7.77 7.73
C ALA C 156 -3.11 -8.72 8.13
N ALA C 157 -3.25 -9.40 9.28
CA ALA C 157 -2.22 -10.34 9.68
C ALA C 157 -2.07 -11.46 8.67
N VAL C 158 -3.19 -11.96 8.14
CA VAL C 158 -3.14 -13.03 7.12
C VAL C 158 -2.31 -12.59 5.92
N ARG C 159 -2.58 -11.38 5.40
CA ARG C 159 -1.82 -10.87 4.27
C ARG C 159 -0.34 -10.79 4.57
N ALA C 160 0.03 -10.30 5.76
CA ALA C 160 1.45 -10.18 6.09
C ALA C 160 2.14 -11.55 6.12
N LEU C 161 1.45 -12.58 6.60
CA LEU C 161 2.05 -13.91 6.67
C LEU C 161 2.60 -14.35 5.31
N ALA C 162 1.86 -14.09 4.23
CA ALA C 162 2.28 -14.54 2.91
C ALA C 162 3.59 -13.88 2.48
N ARG C 163 3.79 -12.62 2.89
CA ARG C 163 5.01 -11.91 2.52
C ARG C 163 6.25 -12.65 3.03
N SER C 164 6.24 -13.01 4.32
CA SER C 164 7.37 -13.73 4.90
C SER C 164 7.41 -15.17 4.40
N TRP C 165 6.25 -15.79 4.18
CA TRP C 165 6.24 -17.18 3.77
C TRP C 165 6.81 -17.39 2.37
N VAL C 166 6.78 -16.36 1.53
CA VAL C 166 7.53 -16.40 0.27
C VAL C 166 8.93 -16.93 0.51
N LEU C 167 9.60 -16.34 1.50
CA LEU C 167 10.98 -16.67 1.81
C LEU C 167 11.09 -17.98 2.59
N ASP C 168 10.18 -18.22 3.54
CA ASP C 168 10.23 -19.48 4.28
C ASP C 168 10.01 -20.68 3.38
N LEU C 169 9.25 -20.51 2.29
CA LEU C 169 8.90 -21.67 1.43
C LEU C 169 9.66 -21.63 0.11
N LYS C 170 10.62 -20.72 -0.02
CA LYS C 170 11.38 -20.57 -1.30
C LYS C 170 12.04 -21.90 -1.64
N GLU C 171 12.73 -22.51 -0.68
CA GLU C 171 13.46 -23.77 -0.95
C GLU C 171 12.48 -24.88 -1.34
N ARG C 172 11.32 -24.93 -0.70
CA ARG C 172 10.35 -26.03 -0.98
C ARG C 172 9.64 -25.76 -2.30
N GLY C 173 9.93 -24.64 -2.96
CA GLY C 173 9.27 -24.34 -4.21
C GLY C 173 7.78 -24.13 -4.13
N ILE C 174 7.28 -23.67 -2.97
CA ILE C 174 5.84 -23.49 -2.76
C ILE C 174 5.54 -21.99 -2.74
N ARG C 175 4.63 -21.55 -3.61
CA ARG C 175 4.25 -20.15 -3.62
C ARG C 175 3.03 -19.91 -2.73
N VAL C 176 2.95 -18.70 -2.17
CA VAL C 176 1.89 -18.34 -1.22
C VAL C 176 1.25 -17.05 -1.70
N ASN C 177 -0.05 -17.08 -1.95
CA ASN C 177 -0.74 -15.87 -2.36
C ASN C 177 -2.02 -15.69 -1.58
N VAL C 178 -2.60 -14.51 -1.70
CA VAL C 178 -3.75 -14.11 -0.90
C VAL C 178 -4.82 -13.62 -1.86
N VAL C 179 -6.00 -14.22 -1.78
CA VAL C 179 -7.20 -13.63 -2.37
C VAL C 179 -7.90 -12.82 -1.29
N SER C 180 -8.20 -11.55 -1.57
CA SER C 180 -8.86 -10.66 -0.64
C SER C 180 -10.22 -10.29 -1.21
N PRO C 181 -11.29 -11.00 -0.86
CA PRO C 181 -12.61 -10.65 -1.38
C PRO C 181 -13.11 -9.35 -0.80
N GLY C 182 -13.90 -8.64 -1.61
CA GLY C 182 -14.84 -7.66 -1.09
C GLY C 182 -16.10 -8.40 -0.66
N SER C 183 -17.21 -7.66 -0.60
CA SER C 183 -18.46 -8.21 -0.08
C SER C 183 -19.05 -9.22 -1.06
N THR C 184 -19.17 -10.45 -0.57
CA THR C 184 -19.63 -11.57 -1.42
C THR C 184 -20.91 -12.12 -0.78
N ARG C 185 -21.99 -12.28 -1.54
CA ARG C 185 -23.19 -12.76 -0.82
C ARG C 185 -22.81 -14.13 -0.26
N THR C 186 -23.10 -14.37 1.00
CA THR C 186 -22.75 -15.63 1.68
C THR C 186 -23.57 -15.64 2.97
N ILE C 187 -23.84 -16.82 3.51
CA ILE C 187 -24.58 -16.85 4.76
C ILE C 187 -23.85 -16.03 5.83
N GLY C 188 -22.56 -16.28 6.01
CA GLY C 188 -21.67 -15.46 6.82
C GLY C 188 -21.96 -13.98 6.73
N LEU C 189 -21.89 -13.45 5.51
CA LEU C 189 -22.11 -12.03 5.33
C LEU C 189 -23.52 -11.64 5.74
N ALA C 190 -24.53 -12.36 5.24
CA ALA C 190 -25.91 -12.03 5.57
C ALA C 190 -26.13 -12.06 7.07
N GLU C 191 -25.56 -13.05 7.75
CA GLU C 191 -25.77 -13.24 9.19
C GLU C 191 -25.34 -12.01 10.00
N LEU C 192 -24.47 -11.16 9.46
CA LEU C 192 -24.17 -9.90 10.14
C LEU C 192 -25.41 -9.04 10.34
N GLY C 193 -26.44 -9.24 9.53
CA GLY C 193 -27.71 -8.56 9.71
C GLY C 193 -28.60 -9.13 10.80
N GLY C 194 -28.19 -10.21 11.44
CA GLY C 194 -29.05 -10.91 12.37
C GLY C 194 -29.75 -12.07 11.70
N ASP C 195 -30.71 -12.64 12.41
CA ASP C 195 -31.42 -13.82 11.92
C ASP C 195 -32.72 -13.48 11.20
N THR C 196 -33.19 -12.24 11.30
CA THR C 196 -34.42 -11.80 10.66
C THR C 196 -34.21 -11.48 9.20
N GLN C 197 -35.23 -11.78 8.39
CA GLN C 197 -35.15 -11.50 6.96
C GLN C 197 -34.98 -10.01 6.67
N GLU C 198 -35.68 -9.15 7.42
CA GLU C 198 -35.54 -7.71 7.19
C GLU C 198 -34.09 -7.26 7.34
N GLY C 199 -33.43 -7.68 8.43
CA GLY C 199 -32.08 -7.22 8.70
C GLY C 199 -31.05 -7.74 7.71
N GLN C 200 -31.14 -9.01 7.35
CA GLN C 200 -30.19 -9.58 6.39
C GLN C 200 -30.31 -8.87 5.05
N ASP C 201 -31.54 -8.67 4.58
CA ASP C 201 -31.74 -8.02 3.30
C ASP C 201 -31.25 -6.57 3.34
N GLY C 202 -31.56 -5.86 4.43
CA GLY C 202 -31.10 -4.48 4.55
C GLY C 202 -29.58 -4.37 4.51
N LEU C 203 -28.89 -5.15 5.36
CA LEU C 203 -27.43 -5.15 5.37
C LEU C 203 -26.87 -5.51 4.00
N LEU C 204 -27.39 -6.57 3.38
CA LEU C 204 -26.87 -6.99 2.08
C LEU C 204 -27.03 -5.89 1.04
N ALA C 205 -28.15 -5.18 1.08
CA ALA C 205 -28.36 -4.09 0.14
C ALA C 205 -27.50 -2.88 0.49
N TYR C 206 -27.26 -2.65 1.78
CA TYR C 206 -26.37 -1.56 2.17
C TYR C 206 -24.96 -1.83 1.65
N LEU C 207 -24.47 -3.05 1.84
CA LEU C 207 -23.12 -3.39 1.41
C LEU C 207 -22.99 -3.34 -0.10
N ALA C 208 -24.06 -3.63 -0.83
CA ALA C 208 -23.98 -3.54 -2.28
C ALA C 208 -23.85 -2.08 -2.74
N SER C 209 -24.45 -1.15 -2.00
CA SER C 209 -24.36 0.26 -2.37
C SER C 209 -22.98 0.83 -2.13
N LEU C 210 -22.16 0.14 -1.34
CA LEU C 210 -20.78 0.54 -1.13
C LEU C 210 -19.88 0.08 -2.26
N VAL C 211 -20.31 -0.89 -3.06
CA VAL C 211 -19.47 -1.42 -4.13
C VAL C 211 -19.63 -0.53 -5.36
N PRO C 212 -18.53 0.00 -5.92
CA PRO C 212 -18.65 0.84 -7.12
C PRO C 212 -19.47 0.22 -8.26
N ILE C 213 -19.29 -1.07 -8.55
CA ILE C 213 -20.12 -1.69 -9.58
C ILE C 213 -21.52 -2.03 -9.08
N GLY C 214 -21.82 -1.71 -7.82
CA GLY C 214 -23.18 -1.72 -7.29
C GLY C 214 -23.79 -3.07 -7.00
N ARG C 215 -22.99 -4.12 -6.86
CA ARG C 215 -23.55 -5.42 -6.52
C ARG C 215 -22.57 -6.18 -5.63
N LEU C 216 -23.13 -7.11 -4.86
CA LEU C 216 -22.30 -8.04 -4.13
C LEU C 216 -21.67 -9.04 -5.10
N ALA C 217 -20.59 -9.65 -4.66
CA ALA C 217 -19.99 -10.73 -5.44
C ALA C 217 -20.83 -11.99 -5.27
N ASP C 218 -21.00 -12.73 -6.37
CA ASP C 218 -21.39 -14.11 -6.24
C ASP C 218 -20.19 -14.93 -5.79
N PRO C 219 -20.39 -15.90 -4.90
CA PRO C 219 -19.23 -16.65 -4.39
C PRO C 219 -18.39 -17.27 -5.49
N SER C 220 -18.99 -17.65 -6.63
CA SER C 220 -18.20 -18.19 -7.72
C SER C 220 -17.20 -17.17 -8.26
N GLU C 221 -17.49 -15.87 -8.11
CA GLU C 221 -16.58 -14.86 -8.65
C GLU C 221 -15.28 -14.82 -7.87
N ILE C 222 -15.33 -15.12 -6.57
CA ILE C 222 -14.12 -15.32 -5.77
C ILE C 222 -13.44 -16.63 -6.14
N ALA C 223 -14.22 -17.69 -6.32
CA ALA C 223 -13.66 -19.01 -6.63
C ALA C 223 -12.78 -18.98 -7.86
N LYS C 224 -13.19 -18.23 -8.90
CA LYS C 224 -12.37 -18.18 -10.12
C LYS C 224 -10.97 -17.65 -9.82
N VAL C 225 -10.83 -16.71 -8.89
CA VAL C 225 -9.50 -16.20 -8.55
C VAL C 225 -8.67 -17.30 -7.91
N VAL C 226 -9.25 -18.03 -6.94
CA VAL C 226 -8.53 -19.12 -6.28
C VAL C 226 -8.07 -20.17 -7.29
N SER C 227 -8.97 -20.55 -8.22
CA SER C 227 -8.57 -21.54 -9.23
C SER C 227 -7.40 -21.03 -10.06
N PHE C 228 -7.44 -19.76 -10.45
CA PHE C 228 -6.31 -19.19 -11.18
C PHE C 228 -5.04 -19.27 -10.35
N LEU C 229 -5.11 -18.85 -9.08
CA LEU C 229 -3.95 -18.98 -8.21
C LEU C 229 -3.52 -20.43 -8.04
N ALA C 230 -4.50 -21.35 -8.01
CA ALA C 230 -4.15 -22.76 -7.82
C ALA C 230 -3.47 -23.34 -9.06
N SER C 231 -3.83 -22.87 -10.25
CA SER C 231 -3.29 -23.41 -11.49
C SER C 231 -1.83 -22.97 -11.69
N ASP C 232 -1.19 -23.60 -12.67
CA ASP C 232 0.17 -23.23 -13.03
C ASP C 232 0.26 -21.88 -13.74
N ASP C 233 -0.88 -21.30 -14.13
CA ASP C 233 -0.84 -19.97 -14.71
C ASP C 233 -0.24 -18.96 -13.75
N SER C 234 -0.37 -19.18 -12.45
CA SER C 234 0.12 -18.25 -11.44
C SER C 234 1.58 -18.49 -11.07
N SER C 235 2.34 -19.18 -11.94
CA SER C 235 3.66 -19.67 -11.55
C SER C 235 4.65 -18.58 -11.17
N PHE C 236 4.45 -17.33 -11.63
CA PHE C 236 5.34 -16.23 -11.27
C PHE C 236 4.71 -15.27 -10.27
N ILE C 237 3.60 -15.64 -9.67
CA ILE C 237 2.97 -14.88 -8.60
C ILE C 237 3.37 -15.48 -7.26
N ASN C 238 3.85 -14.64 -6.35
CA ASN C 238 4.29 -15.12 -5.04
C ASN C 238 4.21 -13.95 -4.04
N GLY C 239 3.54 -14.19 -2.91
CA GLY C 239 3.35 -13.19 -1.89
C GLY C 239 2.37 -12.10 -2.25
N ALA C 240 1.63 -12.28 -3.34
CA ALA C 240 0.78 -11.21 -3.85
C ALA C 240 -0.61 -11.29 -3.25
N GLU C 241 -1.27 -10.15 -3.22
CA GLU C 241 -2.66 -10.04 -2.80
C GLU C 241 -3.47 -9.72 -4.06
N ILE C 242 -4.34 -10.64 -4.45
CA ILE C 242 -5.28 -10.43 -5.54
C ILE C 242 -6.61 -10.07 -4.91
N THR C 243 -7.05 -8.84 -5.13
CA THR C 243 -8.26 -8.31 -4.53
C THR C 243 -9.40 -8.35 -5.55
N ALA C 244 -10.47 -9.05 -5.21
CA ALA C 244 -11.71 -9.09 -5.99
C ALA C 244 -12.80 -8.41 -5.17
N ASP C 245 -12.98 -7.10 -5.38
CA ASP C 245 -13.86 -6.31 -4.52
C ASP C 245 -14.78 -5.40 -5.32
N GLY C 246 -14.88 -5.59 -6.63
CA GLY C 246 -15.66 -4.70 -7.47
C GLY C 246 -15.22 -3.25 -7.45
N GLY C 247 -14.01 -2.96 -6.96
CA GLY C 247 -13.51 -1.60 -6.90
C GLY C 247 -13.49 -0.97 -5.51
N GLN C 248 -14.10 -1.59 -4.51
CA GLN C 248 -14.42 -0.89 -3.26
C GLN C 248 -13.18 -0.42 -2.51
N ALA C 249 -12.17 -1.28 -2.38
CA ALA C 249 -10.95 -0.87 -1.68
C ALA C 249 -9.95 -0.17 -2.58
N GLN C 250 -10.04 -0.34 -3.91
CA GLN C 250 -9.13 0.34 -4.83
C GLN C 250 -9.49 1.81 -5.08
N VAL C 251 -10.75 2.19 -4.83
CA VAL C 251 -11.25 3.53 -5.07
C VAL C 251 -11.00 4.42 -3.85
N LYS D 3 -13.28 -21.47 -26.71
CA LYS D 3 -12.40 -21.53 -25.51
C LYS D 3 -12.77 -20.42 -24.52
N ARG D 4 -11.90 -20.14 -23.56
CA ARG D 4 -12.23 -19.15 -22.49
C ARG D 4 -12.47 -17.76 -23.07
N LEU D 5 -11.66 -17.33 -24.03
CA LEU D 5 -11.78 -15.94 -24.54
C LEU D 5 -12.37 -15.95 -25.95
N GLU D 6 -12.98 -17.07 -26.34
CA GLU D 6 -13.56 -17.17 -27.70
C GLU D 6 -14.76 -16.22 -27.83
N GLY D 7 -14.89 -15.55 -28.98
CA GLY D 7 -15.98 -14.58 -29.19
C GLY D 7 -15.61 -13.20 -28.65
N LYS D 8 -14.32 -12.98 -28.41
CA LYS D 8 -13.86 -11.72 -27.87
C LYS D 8 -12.78 -11.13 -28.76
N VAL D 9 -12.86 -9.82 -28.98
CA VAL D 9 -11.89 -9.09 -29.79
C VAL D 9 -10.94 -8.33 -28.87
N ALA D 10 -9.64 -8.62 -28.97
CA ALA D 10 -8.64 -8.05 -28.09
C ALA D 10 -7.61 -7.22 -28.89
N LEU D 11 -7.24 -6.05 -28.36
CA LEU D 11 -6.18 -5.21 -28.92
C LEU D 11 -4.99 -5.19 -27.97
N VAL D 12 -3.81 -5.44 -28.50
CA VAL D 12 -2.57 -5.32 -27.73
C VAL D 12 -1.67 -4.28 -28.41
N THR D 13 -1.52 -3.11 -27.78
CA THR D 13 -0.54 -2.15 -28.29
C THR D 13 0.87 -2.65 -28.01
N GLY D 14 1.74 -2.53 -29.00
CA GLY D 14 3.09 -3.00 -28.83
C GLY D 14 3.14 -4.50 -28.64
N GLY D 15 2.51 -5.22 -29.58
CA GLY D 15 2.37 -6.66 -29.47
C GLY D 15 3.33 -7.46 -30.33
N THR D 16 4.40 -6.84 -30.83
CA THR D 16 5.32 -7.53 -31.72
C THR D 16 6.54 -8.08 -31.01
N SER D 17 6.68 -7.83 -29.71
CA SER D 17 7.85 -8.33 -28.99
C SER D 17 7.51 -8.50 -27.51
N GLY D 18 8.35 -9.28 -26.84
CA GLY D 18 8.34 -9.33 -25.39
C GLY D 18 7.00 -9.76 -24.82
N ILE D 19 6.52 -8.98 -23.84
CA ILE D 19 5.28 -9.31 -23.15
C ILE D 19 4.09 -9.14 -24.09
N GLY D 20 4.11 -8.08 -24.92
CA GLY D 20 3.04 -7.88 -25.88
C GLY D 20 2.85 -9.07 -26.80
N LEU D 21 3.96 -9.63 -27.30
CA LEU D 21 3.87 -10.78 -28.20
C LEU D 21 3.34 -12.01 -27.46
N ALA D 22 3.95 -12.37 -26.33
CA ALA D 22 3.47 -13.51 -25.54
C ALA D 22 1.99 -13.37 -25.21
N THR D 23 1.55 -12.17 -24.85
CA THR D 23 0.15 -11.98 -24.52
C THR D 23 -0.75 -12.19 -25.73
N ALA D 24 -0.35 -11.66 -26.88
CA ALA D 24 -1.10 -11.86 -28.10
C ALA D 24 -1.22 -13.34 -28.42
N LYS D 25 -0.11 -14.06 -28.27
CA LYS D 25 -0.12 -15.51 -28.43
C LYS D 25 -1.13 -16.15 -27.48
N ASP D 26 -1.07 -15.78 -26.19
CA ASP D 26 -1.93 -16.44 -25.22
C ASP D 26 -3.40 -16.10 -25.44
N LEU D 27 -3.72 -14.81 -25.65
CA LEU D 27 -5.08 -14.39 -25.95
C LEU D 27 -5.65 -15.13 -27.17
N ALA D 28 -4.85 -15.23 -28.24
CA ALA D 28 -5.30 -15.94 -29.43
C ALA D 28 -5.58 -17.42 -29.12
N ALA D 29 -4.69 -18.05 -28.35
CA ALA D 29 -4.86 -19.46 -28.03
C ALA D 29 -6.10 -19.73 -27.19
N GLN D 30 -6.68 -18.71 -26.55
CA GLN D 30 -7.91 -18.83 -25.79
C GLN D 30 -9.14 -18.50 -26.64
N GLY D 31 -8.95 -18.22 -27.92
CA GLY D 31 -10.05 -18.00 -28.84
C GLY D 31 -10.29 -16.57 -29.27
N ALA D 32 -9.51 -15.61 -28.80
CA ALA D 32 -9.78 -14.24 -29.15
C ALA D 32 -9.24 -13.94 -30.56
N ARG D 33 -9.95 -13.05 -31.26
CA ARG D 33 -9.41 -12.40 -32.44
C ARG D 33 -8.53 -11.24 -31.99
N VAL D 34 -7.24 -11.29 -32.33
CA VAL D 34 -6.23 -10.40 -31.75
C VAL D 34 -5.71 -9.42 -32.80
N ILE D 35 -5.68 -8.15 -32.44
CA ILE D 35 -5.00 -7.11 -33.20
C ILE D 35 -3.76 -6.68 -32.42
N ILE D 36 -2.60 -6.71 -33.06
CA ILE D 36 -1.37 -6.22 -32.46
C ILE D 36 -0.87 -5.00 -33.22
N THR D 37 -0.15 -4.12 -32.51
CA THR D 37 0.45 -2.95 -33.15
C THR D 37 1.93 -2.90 -32.81
N GLY D 38 2.59 -1.99 -33.51
CA GLY D 38 4.03 -1.80 -33.39
C GLY D 38 4.46 -0.73 -34.39
N ARG D 39 5.60 -0.11 -34.09
CA ARG D 39 6.10 0.98 -34.95
C ARG D 39 6.86 0.47 -36.18
N ARG D 40 7.62 -0.62 -36.06
CA ARG D 40 8.45 -1.12 -37.15
C ARG D 40 7.67 -2.14 -37.99
N GLN D 41 7.60 -1.90 -39.31
CA GLN D 41 6.80 -2.75 -40.18
C GLN D 41 7.34 -4.16 -40.24
N ALA D 42 8.66 -4.30 -40.36
CA ALA D 42 9.26 -5.63 -40.52
C ALA D 42 8.89 -6.54 -39.34
N GLU D 43 9.25 -6.12 -38.13
CA GLU D 43 8.92 -6.92 -36.96
C GLU D 43 7.41 -7.14 -36.79
N LEU D 44 6.60 -6.14 -37.14
CA LEU D 44 5.13 -6.32 -37.05
C LEU D 44 4.72 -7.51 -37.94
N ASP D 45 5.15 -7.51 -39.20
CA ASP D 45 4.72 -8.59 -40.14
C ASP D 45 5.23 -9.94 -39.64
N GLN D 46 6.48 -9.99 -39.15
CA GLN D 46 7.06 -11.27 -38.70
C GLN D 46 6.25 -11.81 -37.53
N ALA D 47 5.85 -10.92 -36.62
CA ALA D 47 5.06 -11.33 -35.44
C ALA D 47 3.72 -11.87 -35.92
N VAL D 48 3.07 -11.14 -36.83
CA VAL D 48 1.74 -11.57 -37.26
C VAL D 48 1.81 -12.94 -37.93
N ALA D 49 2.88 -13.20 -38.68
CA ALA D 49 3.00 -14.49 -39.32
C ALA D 49 3.27 -15.59 -38.30
N ALA D 50 4.16 -15.32 -37.33
CA ALA D 50 4.45 -16.30 -36.30
C ALA D 50 3.21 -16.64 -35.48
N LEU D 51 2.32 -15.67 -35.27
CA LEU D 51 1.15 -15.96 -34.44
C LEU D 51 0.07 -16.72 -35.21
N GLY D 52 -0.03 -16.53 -36.53
CA GLY D 52 -1.09 -17.16 -37.31
C GLY D 52 -2.47 -16.87 -36.74
N GLN D 53 -3.29 -17.93 -36.52
CA GLN D 53 -4.54 -17.76 -35.78
C GLN D 53 -5.39 -16.54 -36.03
N GLY D 54 -5.48 -16.04 -37.25
CA GLY D 54 -6.31 -14.87 -37.41
C GLY D 54 -5.86 -13.71 -36.54
N VAL D 55 -4.57 -13.63 -36.23
CA VAL D 55 -4.03 -12.44 -35.59
C VAL D 55 -3.83 -11.42 -36.71
N ARG D 56 -3.97 -10.16 -36.36
CA ARG D 56 -3.96 -9.07 -37.31
C ARG D 56 -3.06 -7.96 -36.79
N GLY D 57 -2.25 -7.40 -37.69
CA GLY D 57 -1.29 -6.36 -37.35
C GLY D 57 -1.65 -5.01 -37.94
N VAL D 58 -1.30 -3.95 -37.20
CA VAL D 58 -1.39 -2.57 -37.67
C VAL D 58 -0.10 -1.87 -37.25
N ARG D 59 0.60 -1.27 -38.22
CA ARG D 59 1.74 -0.41 -37.91
C ARG D 59 1.19 0.90 -37.37
N SER D 60 1.42 1.17 -36.08
CA SER D 60 0.89 2.38 -35.50
C SER D 60 1.68 2.72 -34.25
N ASP D 61 1.88 4.01 -34.02
CA ASP D 61 2.57 4.53 -32.85
C ASP D 61 1.54 5.02 -31.83
N VAL D 62 1.63 4.52 -30.59
CA VAL D 62 0.66 4.93 -29.57
C VAL D 62 0.80 6.39 -29.17
N THR D 63 1.97 7.00 -29.37
CA THR D 63 2.15 8.41 -29.01
C THR D 63 1.61 9.39 -30.06
N ARG D 64 1.21 8.92 -31.24
CA ARG D 64 0.65 9.81 -32.26
C ARG D 64 -0.86 9.69 -32.26
N SER D 65 -1.53 10.80 -31.95
CA SER D 65 -2.99 10.81 -31.90
C SER D 65 -3.60 10.28 -33.20
N ALA D 66 -3.04 10.67 -34.35
CA ALA D 66 -3.61 10.25 -35.62
C ALA D 66 -3.48 8.74 -35.81
N ASP D 67 -2.35 8.15 -35.41
CA ASP D 67 -2.19 6.70 -35.48
C ASP D 67 -3.27 6.01 -34.66
N LEU D 68 -3.48 6.48 -33.43
CA LEU D 68 -4.52 5.92 -32.57
C LEU D 68 -5.88 5.98 -33.27
N ASP D 69 -6.20 7.11 -33.89
CA ASP D 69 -7.45 7.22 -34.63
C ASP D 69 -7.53 6.18 -35.74
N ALA D 70 -6.46 6.08 -36.53
CA ALA D 70 -6.45 5.14 -37.65
C ALA D 70 -6.53 3.70 -37.15
N LEU D 71 -5.79 3.39 -36.09
CA LEU D 71 -5.84 2.07 -35.46
C LEU D 71 -7.27 1.67 -35.12
N PHE D 72 -8.01 2.57 -34.47
CA PHE D 72 -9.33 2.18 -33.99
C PHE D 72 -10.37 2.17 -35.09
N GLU D 73 -10.23 3.03 -36.11
CA GLU D 73 -11.15 2.97 -37.25
C GLU D 73 -11.02 1.63 -37.96
N THR D 74 -9.80 1.14 -38.08
CA THR D 74 -9.56 -0.20 -38.57
C THR D 74 -10.37 -1.23 -37.79
N ILE D 75 -10.46 -1.05 -36.47
CA ILE D 75 -11.21 -2.00 -35.65
C ILE D 75 -12.71 -1.84 -35.87
N ARG D 76 -13.19 -0.60 -35.91
CA ARG D 76 -14.60 -0.36 -36.17
C ARG D 76 -15.02 -0.95 -37.52
N ALA D 77 -14.18 -0.77 -38.54
CA ALA D 77 -14.54 -1.25 -39.87
C ALA D 77 -14.43 -2.77 -39.97
N THR D 78 -13.46 -3.38 -39.27
CA THR D 78 -13.28 -4.83 -39.39
C THR D 78 -14.15 -5.57 -38.38
N GLU D 79 -13.75 -5.54 -37.11
CA GLU D 79 -14.42 -6.37 -36.12
C GLU D 79 -15.68 -5.73 -35.58
N GLY D 80 -15.73 -4.41 -35.54
CA GLY D 80 -16.92 -3.72 -35.12
C GLY D 80 -17.03 -3.52 -33.63
N ARG D 81 -16.08 -4.04 -32.85
CA ARG D 81 -16.12 -3.89 -31.40
C ARG D 81 -14.77 -4.25 -30.80
N LEU D 82 -14.60 -3.86 -29.53
CA LEU D 82 -13.40 -4.16 -28.77
C LEU D 82 -13.80 -4.68 -27.40
N ASP D 83 -13.41 -5.92 -27.08
CA ASP D 83 -13.77 -6.54 -25.83
C ASP D 83 -12.67 -6.47 -24.78
N VAL D 84 -11.41 -6.55 -25.20
CA VAL D 84 -10.26 -6.62 -24.32
C VAL D 84 -9.24 -5.61 -24.81
N LEU D 85 -8.69 -4.81 -23.90
CA LEU D 85 -7.69 -3.80 -24.24
C LEU D 85 -6.48 -3.99 -23.34
N PHE D 86 -5.34 -4.31 -23.94
CA PHE D 86 -4.08 -4.42 -23.21
C PHE D 86 -3.17 -3.30 -23.68
N THR D 87 -3.00 -2.26 -22.86
CA THR D 87 -2.16 -1.09 -23.19
C THR D 87 -0.71 -1.39 -22.84
N ASN D 88 -0.12 -2.28 -23.64
CA ASN D 88 1.18 -2.85 -23.34
C ASN D 88 2.35 -1.94 -23.75
N ALA D 89 2.21 -1.16 -24.82
CA ALA D 89 3.34 -0.41 -25.37
C ALA D 89 3.95 0.55 -24.33
N GLY D 90 5.24 0.40 -24.09
CA GLY D 90 5.90 1.13 -23.02
C GLY D 90 7.38 0.83 -23.04
N GLY D 91 8.11 1.53 -22.16
CA GLY D 91 9.53 1.30 -22.04
C GLY D 91 10.12 2.26 -21.04
N GLY D 92 11.44 2.18 -20.89
CA GLY D 92 12.14 3.01 -19.94
C GLY D 92 13.63 2.92 -20.11
N SER D 93 14.34 3.92 -19.59
CA SER D 93 15.79 3.94 -19.59
C SER D 93 16.27 4.49 -18.25
N MET D 94 17.57 4.32 -18.01
CA MET D 94 18.21 4.74 -16.77
C MET D 94 18.65 6.21 -16.82
N ALA D 95 18.41 6.94 -15.72
CA ALA D 95 18.88 8.32 -15.59
C ALA D 95 18.84 8.71 -14.11
N ALA D 96 20.01 8.84 -13.50
CA ALA D 96 20.07 9.26 -12.11
C ALA D 96 19.61 10.71 -11.95
N LEU D 97 19.04 11.00 -10.78
CA LEU D 97 18.73 12.38 -10.44
C LEU D 97 20.02 13.19 -10.47
N GLY D 98 19.99 14.32 -11.18
CA GLY D 98 21.17 15.08 -11.51
C GLY D 98 21.54 15.02 -12.98
N GLU D 99 21.11 13.97 -13.67
CA GLU D 99 21.39 13.81 -15.09
C GLU D 99 20.12 13.48 -15.87
N ILE D 100 18.96 13.90 -15.38
CA ILE D 100 17.71 13.67 -16.08
C ILE D 100 17.49 14.82 -17.06
N SER D 101 17.39 14.50 -18.33
CA SER D 101 17.16 15.46 -19.38
C SER D 101 15.66 15.68 -19.56
N GLU D 102 15.32 16.83 -20.12
CA GLU D 102 13.91 17.10 -20.38
C GLU D 102 13.29 16.05 -21.29
N GLN D 103 14.03 15.53 -22.27
CA GLN D 103 13.28 14.54 -23.04
C GLN D 103 13.37 13.14 -22.50
N HIS D 104 14.32 12.87 -21.61
CA HIS D 104 14.21 11.61 -20.87
C HIS D 104 12.87 11.57 -20.15
N PHE D 105 12.49 12.70 -19.55
CA PHE D 105 11.18 12.80 -18.93
C PHE D 105 10.05 12.70 -19.94
N ASP D 106 10.07 13.54 -20.98
CA ASP D 106 8.96 13.60 -21.92
C ASP D 106 8.74 12.25 -22.61
N ASP D 107 9.83 11.62 -23.05
CA ASP D 107 9.72 10.35 -23.74
C ASP D 107 9.07 9.29 -22.85
N THR D 108 9.56 9.12 -21.63
CA THR D 108 8.97 8.11 -20.74
C THR D 108 7.49 8.39 -20.49
N PHE D 109 7.16 9.62 -20.12
CA PHE D 109 5.78 9.87 -19.73
C PHE D 109 4.82 9.94 -20.92
N GLU D 110 5.32 10.27 -22.12
CA GLU D 110 4.44 10.34 -23.27
C GLU D 110 3.99 8.94 -23.68
N ARG D 111 4.90 7.98 -23.68
CA ARG D 111 4.55 6.63 -24.06
C ARG D 111 3.90 5.87 -22.90
N ASN D 112 4.52 5.92 -21.72
CA ASN D 112 4.09 5.07 -20.59
C ASN D 112 2.80 5.55 -19.96
N VAL D 113 2.48 6.84 -20.06
CA VAL D 113 1.31 7.40 -19.37
C VAL D 113 0.35 8.09 -20.32
N LYS D 114 0.81 9.15 -21.00
CA LYS D 114 -0.06 9.88 -21.90
C LYS D 114 -0.69 8.97 -22.94
N ALA D 115 0.15 8.16 -23.61
CA ALA D 115 -0.38 7.25 -24.63
C ALA D 115 -1.39 6.27 -24.05
N VAL D 116 -1.22 5.84 -22.79
CA VAL D 116 -2.21 4.96 -22.18
C VAL D 116 -3.54 5.66 -22.04
N VAL D 117 -3.52 6.91 -21.57
CA VAL D 117 -4.75 7.67 -21.39
C VAL D 117 -5.53 7.77 -22.70
N PHE D 118 -4.83 8.02 -23.80
CA PHE D 118 -5.55 8.25 -25.04
C PHE D 118 -5.85 6.95 -25.79
N THR D 119 -5.01 5.93 -25.64
CA THR D 119 -5.42 4.62 -26.12
C THR D 119 -6.75 4.20 -25.48
N VAL D 120 -6.85 4.35 -24.16
CA VAL D 120 -8.08 3.98 -23.46
C VAL D 120 -9.24 4.84 -23.93
N GLN D 121 -9.03 6.16 -24.00
CA GLN D 121 -10.13 7.07 -24.31
C GLN D 121 -10.68 6.83 -25.72
N LYS D 122 -9.81 6.63 -26.70
CA LYS D 122 -10.28 6.38 -28.06
C LYS D 122 -10.92 5.00 -28.20
N ALA D 123 -10.51 4.03 -27.37
CA ALA D 123 -11.08 2.69 -27.47
C ALA D 123 -12.52 2.65 -26.99
N LEU D 124 -12.90 3.53 -26.06
CA LEU D 124 -14.17 3.40 -25.36
C LEU D 124 -15.39 3.28 -26.28
N PRO D 125 -15.53 4.04 -27.37
CA PRO D 125 -16.73 3.87 -28.21
C PRO D 125 -16.86 2.49 -28.82
N LEU D 126 -15.78 1.71 -28.90
CA LEU D 126 -15.85 0.36 -29.43
C LEU D 126 -16.08 -0.71 -28.36
N MET D 127 -16.12 -0.34 -27.06
CA MET D 127 -16.09 -1.33 -25.97
C MET D 127 -17.46 -1.49 -25.34
N PRO D 128 -18.06 -2.68 -25.36
CA PRO D 128 -19.40 -2.88 -24.81
C PRO D 128 -19.38 -3.10 -23.30
N GLN D 129 -20.59 -3.09 -22.72
CA GLN D 129 -20.78 -3.53 -21.34
C GLN D 129 -20.09 -4.87 -21.10
N GLY D 130 -19.26 -4.94 -20.06
CA GLY D 130 -18.56 -6.17 -19.76
C GLY D 130 -17.19 -6.28 -20.37
N ALA D 131 -16.74 -5.29 -21.13
CA ALA D 131 -15.37 -5.25 -21.64
C ALA D 131 -14.35 -5.14 -20.50
N SER D 132 -13.09 -5.47 -20.80
CA SER D 132 -12.01 -5.52 -19.81
C SER D 132 -10.81 -4.76 -20.33
N ILE D 133 -10.34 -3.77 -19.56
CA ILE D 133 -9.13 -3.02 -19.89
C ILE D 133 -8.02 -3.44 -18.94
N ILE D 134 -6.86 -3.75 -19.49
CA ILE D 134 -5.71 -4.16 -18.70
C ILE D 134 -4.60 -3.15 -18.96
N LEU D 135 -4.27 -2.34 -17.95
CA LEU D 135 -3.11 -1.47 -18.07
C LEU D 135 -1.85 -2.23 -17.67
N ASN D 136 -0.74 -1.89 -18.28
CA ASN D 136 0.56 -2.48 -17.96
C ASN D 136 1.31 -1.54 -17.02
N GLY D 137 1.43 -1.95 -15.76
CA GLY D 137 2.20 -1.22 -14.74
C GLY D 137 3.60 -1.78 -14.58
N SER D 138 4.02 -1.90 -13.33
CA SER D 138 5.35 -2.44 -12.98
C SER D 138 5.58 -2.32 -11.47
N ILE D 139 6.32 -3.28 -10.89
CA ILE D 139 6.74 -3.12 -9.50
C ILE D 139 7.56 -1.85 -9.31
N ALA D 140 8.17 -1.32 -10.38
CA ALA D 140 8.87 -0.05 -10.29
C ALA D 140 7.95 1.05 -9.77
N GLY D 141 6.65 0.94 -10.01
CA GLY D 141 5.68 1.94 -9.57
C GLY D 141 5.47 2.00 -8.08
N SER D 142 5.86 0.96 -7.34
CA SER D 142 5.68 0.93 -5.89
C SER D 142 6.97 0.65 -5.14
N THR D 143 8.11 0.69 -5.83
CA THR D 143 9.43 0.46 -5.25
C THR D 143 10.37 1.57 -5.70
N GLY D 144 11.59 1.54 -5.17
CA GLY D 144 12.65 2.45 -5.56
C GLY D 144 13.81 1.70 -6.18
N THR D 145 14.28 2.20 -7.33
CA THR D 145 15.44 1.64 -7.99
C THR D 145 16.33 2.80 -8.42
N GLN D 146 17.62 2.71 -8.08
CA GLN D 146 18.55 3.78 -8.40
C GLN D 146 18.55 4.07 -9.90
N ALA D 147 18.38 5.36 -10.23
CA ALA D 147 18.42 5.87 -11.60
C ALA D 147 17.23 5.44 -12.44
N PHE D 148 16.09 5.09 -11.82
CA PHE D 148 14.87 4.78 -12.55
C PHE D 148 13.66 5.51 -11.97
N SER D 149 13.88 6.66 -11.35
CA SER D 149 12.77 7.41 -10.78
C SER D 149 11.71 7.77 -11.82
N ILE D 150 12.14 8.18 -13.02
CA ILE D 150 11.15 8.63 -14.01
C ILE D 150 10.34 7.44 -14.53
N TYR D 151 11.01 6.32 -14.80
CA TYR D 151 10.29 5.10 -15.15
C TYR D 151 9.35 4.68 -14.01
N GLY D 152 9.86 4.65 -12.78
CA GLY D 152 9.01 4.32 -11.64
C GLY D 152 7.79 5.22 -11.55
N ALA D 153 8.03 6.53 -11.57
CA ALA D 153 6.94 7.52 -11.54
C ALA D 153 5.91 7.26 -12.63
N SER D 154 6.37 6.89 -13.83
CA SER D 154 5.41 6.69 -14.92
C SER D 154 4.52 5.48 -14.66
N LYS D 155 5.09 4.41 -14.10
CA LYS D 155 4.30 3.21 -13.87
C LYS D 155 3.35 3.38 -12.69
N ALA D 156 3.78 4.11 -11.66
CA ALA D 156 2.88 4.47 -10.56
C ALA D 156 1.71 5.29 -11.07
N ALA D 157 1.96 6.20 -12.01
CA ALA D 157 0.86 6.96 -12.61
C ALA D 157 -0.12 6.03 -13.30
N VAL D 158 0.39 5.03 -14.03
CA VAL D 158 -0.49 4.07 -14.70
C VAL D 158 -1.41 3.40 -13.69
N ARG D 159 -0.83 2.87 -12.61
CA ARG D 159 -1.61 2.18 -11.60
C ARG D 159 -2.70 3.07 -11.03
N ALA D 160 -2.37 4.33 -10.75
CA ALA D 160 -3.36 5.25 -10.15
C ALA D 160 -4.52 5.54 -11.10
N LEU D 161 -4.25 5.66 -12.41
CA LEU D 161 -5.33 5.92 -13.36
C LEU D 161 -6.45 4.89 -13.21
N ALA D 162 -6.07 3.61 -13.06
CA ALA D 162 -7.05 2.53 -12.99
C ALA D 162 -8.00 2.69 -11.82
N ARG D 163 -7.52 3.25 -10.70
CA ARG D 163 -8.40 3.48 -9.56
C ARG D 163 -9.55 4.42 -9.91
N SER D 164 -9.23 5.59 -10.48
CA SER D 164 -10.25 6.58 -10.81
C SER D 164 -11.14 6.12 -11.96
N TRP D 165 -10.56 5.40 -12.91
CA TRP D 165 -11.32 4.95 -14.09
C TRP D 165 -12.37 3.91 -13.73
N VAL D 166 -12.21 3.20 -12.60
CA VAL D 166 -13.30 2.39 -12.05
C VAL D 166 -14.59 3.19 -12.05
N LEU D 167 -14.53 4.41 -11.51
CA LEU D 167 -15.71 5.23 -11.35
C LEU D 167 -16.12 5.87 -12.68
N ASP D 168 -15.14 6.21 -13.52
CA ASP D 168 -15.49 6.88 -14.80
C ASP D 168 -16.19 5.87 -15.72
N LEU D 169 -15.76 4.60 -15.68
CA LEU D 169 -16.30 3.56 -16.60
C LEU D 169 -17.45 2.76 -15.98
N LYS D 170 -17.86 3.09 -14.75
CA LYS D 170 -18.88 2.25 -14.05
C LYS D 170 -20.20 2.23 -14.84
N GLU D 171 -20.61 3.38 -15.37
CA GLU D 171 -21.85 3.45 -16.18
C GLU D 171 -21.64 2.60 -17.43
N ARG D 172 -20.44 2.69 -18.02
CA ARG D 172 -20.13 1.92 -19.20
C ARG D 172 -19.96 0.44 -18.90
N GLY D 173 -19.87 0.05 -17.63
CA GLY D 173 -19.71 -1.36 -17.30
C GLY D 173 -18.39 -1.97 -17.72
N ILE D 174 -17.34 -1.18 -17.84
CA ILE D 174 -16.03 -1.64 -18.27
C ILE D 174 -15.13 -1.64 -17.04
N ARG D 175 -14.51 -2.77 -16.75
CA ARG D 175 -13.59 -2.82 -15.62
C ARG D 175 -12.16 -2.58 -16.09
N VAL D 176 -11.36 -1.99 -15.19
CA VAL D 176 -9.98 -1.58 -15.46
C VAL D 176 -9.10 -2.14 -14.36
N ASN D 177 -8.12 -2.96 -14.73
CA ASN D 177 -7.16 -3.51 -13.80
C ASN D 177 -5.76 -3.37 -14.37
N VAL D 178 -4.77 -3.65 -13.51
CA VAL D 178 -3.36 -3.45 -13.82
C VAL D 178 -2.62 -4.74 -13.57
N VAL D 179 -1.90 -5.23 -14.56
CA VAL D 179 -0.88 -6.25 -14.31
C VAL D 179 0.45 -5.52 -14.10
N SER D 180 1.13 -5.81 -12.99
CA SER D 180 2.42 -5.23 -12.66
C SER D 180 3.48 -6.32 -12.66
N PRO D 181 4.17 -6.53 -13.77
CA PRO D 181 5.21 -7.57 -13.80
C PRO D 181 6.41 -7.15 -12.99
N GLY D 182 7.09 -8.14 -12.43
CA GLY D 182 8.48 -7.98 -12.07
C GLY D 182 9.35 -8.24 -13.29
N SER D 183 10.59 -8.61 -13.04
CA SER D 183 11.56 -8.70 -14.13
C SER D 183 11.23 -9.87 -15.06
N THR D 184 11.04 -9.53 -16.33
CA THR D 184 10.60 -10.46 -17.35
C THR D 184 11.61 -10.47 -18.50
N ARG D 185 12.03 -11.66 -18.90
CA ARG D 185 13.04 -11.84 -19.94
C ARG D 185 12.52 -11.38 -21.29
N THR D 186 12.74 -10.11 -21.64
CA THR D 186 12.36 -9.55 -22.94
C THR D 186 13.56 -8.85 -23.55
N ILE D 187 13.46 -8.55 -24.85
CA ILE D 187 14.48 -7.71 -25.49
C ILE D 187 14.58 -6.38 -24.75
N GLY D 188 13.43 -5.71 -24.58
CA GLY D 188 13.31 -4.53 -23.75
C GLY D 188 14.15 -4.54 -22.50
N LEU D 189 13.96 -5.54 -21.65
CA LEU D 189 14.74 -5.63 -20.42
C LEU D 189 16.22 -5.80 -20.73
N ALA D 190 16.55 -6.73 -21.63
CA ALA D 190 17.95 -7.00 -21.95
C ALA D 190 18.67 -5.73 -22.42
N GLU D 191 18.01 -4.90 -23.24
CA GLU D 191 18.66 -3.71 -23.77
C GLU D 191 19.15 -2.77 -22.67
N LEU D 192 18.56 -2.83 -21.47
CA LEU D 192 19.10 -2.07 -20.35
C LEU D 192 20.55 -2.45 -20.06
N GLY D 193 20.96 -3.64 -20.46
CA GLY D 193 22.33 -4.09 -20.38
C GLY D 193 23.24 -3.57 -21.46
N GLY D 194 22.71 -2.81 -22.41
CA GLY D 194 23.46 -2.37 -23.56
C GLY D 194 23.26 -3.29 -24.74
N ASP D 195 24.15 -3.13 -25.74
CA ASP D 195 24.06 -3.95 -26.98
C ASP D 195 25.03 -5.12 -26.88
N THR D 196 25.99 -5.06 -25.95
CA THR D 196 26.92 -6.20 -25.75
C THR D 196 26.12 -7.40 -25.25
N GLN D 197 26.43 -8.59 -25.74
CA GLN D 197 25.74 -9.80 -25.18
C GLN D 197 26.11 -9.92 -23.71
N GLU D 198 27.38 -9.69 -23.37
CA GLU D 198 27.83 -9.84 -21.96
C GLU D 198 27.09 -8.84 -21.08
N GLY D 199 26.95 -7.60 -21.54
CA GLY D 199 26.25 -6.57 -20.74
C GLY D 199 24.80 -6.95 -20.52
N GLN D 200 24.15 -7.47 -21.56
CA GLN D 200 22.74 -7.90 -21.43
C GLN D 200 22.71 -9.10 -20.49
N ASP D 201 23.57 -10.09 -20.75
CA ASP D 201 23.60 -11.28 -19.92
C ASP D 201 23.90 -10.93 -18.46
N GLY D 202 24.87 -10.06 -18.24
CA GLY D 202 25.18 -9.64 -16.88
C GLY D 202 23.99 -9.01 -16.19
N LEU D 203 23.36 -8.04 -16.88
CA LEU D 203 22.17 -7.38 -16.34
C LEU D 203 21.07 -8.39 -16.06
N LEU D 204 20.80 -9.28 -17.01
CA LEU D 204 19.74 -10.27 -16.84
C LEU D 204 20.04 -11.20 -15.66
N ALA D 205 21.31 -11.56 -15.47
CA ALA D 205 21.67 -12.43 -14.36
C ALA D 205 21.59 -11.70 -13.03
N TYR D 206 21.96 -10.42 -13.02
CA TYR D 206 21.81 -9.63 -11.81
C TYR D 206 20.34 -9.50 -11.43
N LEU D 207 19.48 -9.17 -12.40
CA LEU D 207 18.07 -9.01 -12.10
C LEU D 207 17.44 -10.33 -11.66
N ALA D 208 17.94 -11.45 -12.17
CA ALA D 208 17.40 -12.71 -11.68
C ALA D 208 17.77 -12.93 -10.23
N SER D 209 18.94 -12.45 -9.80
CA SER D 209 19.35 -12.65 -8.42
C SER D 209 18.53 -11.81 -7.44
N LEU D 210 17.82 -10.80 -7.91
CA LEU D 210 16.95 -10.01 -7.05
C LEU D 210 15.58 -10.66 -6.82
N VAL D 211 15.19 -11.65 -7.62
CA VAL D 211 13.87 -12.27 -7.47
C VAL D 211 13.94 -13.35 -6.39
N PRO D 212 13.05 -13.32 -5.40
CA PRO D 212 13.08 -14.36 -4.35
C PRO D 212 13.13 -15.78 -4.91
N ILE D 213 12.35 -16.11 -5.94
CA ILE D 213 12.44 -17.44 -6.54
C ILE D 213 13.63 -17.56 -7.48
N GLY D 214 14.41 -16.49 -7.64
CA GLY D 214 15.72 -16.60 -8.27
C GLY D 214 15.74 -16.77 -9.77
N ARG D 215 14.67 -16.39 -10.47
CA ARG D 215 14.66 -16.46 -11.92
C ARG D 215 13.83 -15.32 -12.46
N LEU D 216 14.13 -14.95 -13.70
CA LEU D 216 13.28 -14.02 -14.43
C LEU D 216 12.02 -14.73 -14.89
N ALA D 217 10.97 -13.96 -15.12
CA ALA D 217 9.77 -14.53 -15.70
C ALA D 217 9.97 -14.74 -17.20
N ASP D 218 9.46 -15.87 -17.69
CA ASP D 218 9.19 -15.96 -19.11
C ASP D 218 7.98 -15.09 -19.42
N PRO D 219 7.98 -14.36 -20.55
CA PRO D 219 6.84 -13.48 -20.86
C PRO D 219 5.49 -14.19 -20.86
N SER D 220 5.45 -15.49 -21.17
CA SER D 220 4.19 -16.22 -21.11
C SER D 220 3.58 -16.22 -19.71
N GLU D 221 4.40 -16.13 -18.67
CA GLU D 221 3.87 -16.08 -17.31
C GLU D 221 3.17 -14.74 -17.02
N ILE D 222 3.60 -13.66 -17.68
CA ILE D 222 2.85 -12.41 -17.57
C ILE D 222 1.58 -12.49 -18.40
N ALA D 223 1.66 -13.08 -19.59
CA ALA D 223 0.49 -13.17 -20.45
C ALA D 223 -0.67 -13.89 -19.74
N LYS D 224 -0.36 -14.94 -18.98
CA LYS D 224 -1.41 -15.67 -18.28
C LYS D 224 -2.23 -14.75 -17.39
N VAL D 225 -1.58 -13.78 -16.75
CA VAL D 225 -2.30 -12.84 -15.89
C VAL D 225 -3.25 -11.98 -16.72
N VAL D 226 -2.75 -11.45 -17.84
CA VAL D 226 -3.58 -10.62 -18.72
C VAL D 226 -4.79 -11.42 -19.22
N SER D 227 -4.53 -12.66 -19.66
CA SER D 227 -5.63 -13.50 -20.16
C SER D 227 -6.69 -13.72 -19.09
N PHE D 228 -6.25 -13.94 -17.85
CA PHE D 228 -7.21 -14.10 -16.76
C PHE D 228 -8.05 -12.84 -16.61
N LEU D 229 -7.39 -11.68 -16.54
CA LEU D 229 -8.13 -10.42 -16.47
C LEU D 229 -8.99 -10.20 -17.71
N ALA D 230 -8.57 -10.69 -18.86
CA ALA D 230 -9.41 -10.52 -20.05
C ALA D 230 -10.68 -11.37 -19.98
N SER D 231 -10.59 -12.55 -19.37
CA SER D 231 -11.73 -13.45 -19.33
C SER D 231 -12.80 -12.95 -18.36
N ASP D 232 -13.97 -13.59 -18.45
CA ASP D 232 -15.06 -13.26 -17.53
C ASP D 232 -14.80 -13.76 -16.11
N ASP D 233 -13.77 -14.58 -15.91
CA ASP D 233 -13.43 -15.00 -14.55
C ASP D 233 -13.10 -13.82 -13.64
N SER D 234 -12.59 -12.71 -14.20
CA SER D 234 -12.20 -11.54 -13.44
C SER D 234 -13.37 -10.57 -13.22
N SER D 235 -14.60 -11.04 -13.34
CA SER D 235 -15.77 -10.17 -13.37
C SER D 235 -15.94 -9.32 -12.11
N PHE D 236 -15.37 -9.71 -10.98
CA PHE D 236 -15.50 -8.92 -9.75
C PHE D 236 -14.21 -8.21 -9.37
N ILE D 237 -13.23 -8.20 -10.27
CA ILE D 237 -11.99 -7.47 -10.09
C ILE D 237 -12.09 -6.15 -10.87
N ASN D 238 -11.86 -5.05 -10.17
CA ASN D 238 -11.95 -3.74 -10.79
C ASN D 238 -11.04 -2.78 -10.03
N GLY D 239 -10.19 -2.06 -10.77
CA GLY D 239 -9.24 -1.14 -10.19
C GLY D 239 -8.07 -1.77 -9.49
N ALA D 240 -7.88 -3.06 -9.66
CA ALA D 240 -6.93 -3.83 -8.88
C ALA D 240 -5.57 -3.92 -9.58
N GLU D 241 -4.54 -4.12 -8.76
CA GLU D 241 -3.19 -4.36 -9.27
C GLU D 241 -2.83 -5.81 -8.98
N ILE D 242 -2.63 -6.58 -10.04
CA ILE D 242 -2.15 -7.96 -9.91
C ILE D 242 -0.65 -7.96 -10.22
N THR D 243 0.15 -8.25 -9.20
CA THR D 243 1.60 -8.21 -9.31
C THR D 243 2.14 -9.63 -9.50
N ALA D 244 2.81 -9.86 -10.62
CA ALA D 244 3.49 -11.11 -10.91
C ALA D 244 4.99 -10.82 -10.93
N ASP D 245 5.64 -10.97 -9.78
CA ASP D 245 7.02 -10.52 -9.64
C ASP D 245 7.92 -11.57 -9.00
N GLY D 246 7.47 -12.82 -8.93
CA GLY D 246 8.24 -13.84 -8.24
C GLY D 246 8.47 -13.53 -6.78
N GLY D 247 7.71 -12.59 -6.21
CA GLY D 247 7.84 -12.25 -4.82
C GLY D 247 8.57 -10.93 -4.56
N GLN D 248 9.14 -10.33 -5.60
CA GLN D 248 10.20 -9.33 -5.37
C GLN D 248 9.68 -8.11 -4.63
N ALA D 249 8.54 -7.56 -5.05
CA ALA D 249 8.02 -6.36 -4.41
C ALA D 249 7.15 -6.69 -3.20
N GLN D 250 6.65 -7.92 -3.06
CA GLN D 250 5.88 -8.26 -1.87
C GLN D 250 6.75 -8.50 -0.67
N VAL D 251 8.00 -8.86 -0.88
CA VAL D 251 8.90 -9.12 0.23
C VAL D 251 9.46 -7.75 0.64
PA NAP E . 13.20 -3.64 24.07
O1A NAP E . 14.51 -2.92 23.94
O2A NAP E . 13.18 -5.11 24.34
O5B NAP E . 12.34 -2.88 25.19
C5B NAP E . 10.94 -3.26 25.27
C4B NAP E . 10.33 -2.81 26.58
O4B NAP E . 9.04 -3.46 26.71
C3B NAP E . 11.08 -3.12 27.88
O3B NAP E . 11.12 -1.96 28.69
C2B NAP E . 10.26 -4.26 28.47
O2B NAP E . 10.45 -4.23 29.88
C1B NAP E . 8.87 -3.81 28.07
N9A NAP E . 7.88 -4.89 28.06
C8A NAP E . 8.00 -6.08 27.37
N7A NAP E . 6.97 -6.87 27.53
C5A NAP E . 6.12 -6.16 28.36
C6A NAP E . 4.85 -6.46 28.88
N6A NAP E . 4.21 -7.60 28.65
N1A NAP E . 4.26 -5.54 29.67
C2A NAP E . 4.92 -4.40 29.91
N3A NAP E . 6.11 -4.00 29.47
C4A NAP E . 6.67 -4.94 28.69
O3 NAP E . 12.32 -3.38 22.76
PN NAP E . 12.43 -2.32 21.57
O1N NAP E . 12.63 -0.98 22.19
O2N NAP E . 13.41 -2.79 20.56
O5D NAP E . 10.96 -2.44 20.97
C5D NAP E . 9.92 -1.55 21.45
C4D NAP E . 8.72 -1.70 20.54
O4D NAP E . 9.09 -1.24 19.21
C3D NAP E . 8.21 -3.12 20.35
O3D NAP E . 6.80 -3.13 20.15
C2D NAP E . 8.90 -3.56 19.06
O2D NAP E . 8.26 -4.62 18.37
C1D NAP E . 8.80 -2.25 18.27
N1N NAP E . 9.80 -2.15 17.18
C2N NAP E . 11.15 -2.21 17.45
C3N NAP E . 12.06 -2.13 16.41
C7N NAP E . 13.53 -2.16 16.65
O7N NAP E . 14.30 -2.13 15.67
N7N NAP E . 13.97 -2.15 17.91
C4N NAP E . 11.62 -1.98 15.11
C5N NAP E . 10.27 -1.90 14.84
C6N NAP E . 9.36 -2.00 15.88
P2B NAP E . 10.37 -5.65 30.70
O1X NAP E . 11.03 -5.30 32.00
O2X NAP E . 8.92 -6.02 30.87
O3X NAP E . 11.13 -6.68 29.91
PA NAP F . -3.64 27.05 -4.39
O1A NAP F . -4.15 27.71 -3.14
O2A NAP F . -4.60 26.91 -5.51
O5B NAP F . -2.30 27.78 -4.93
C5B NAP F . -1.00 27.54 -4.37
C4B NAP F . 0.05 28.49 -4.91
O4B NAP F . 0.72 27.93 -6.08
C3B NAP F . -0.39 29.90 -5.33
O3B NAP F . 0.33 30.79 -4.50
C2B NAP F . 0.06 30.02 -6.79
O2B NAP F . 0.46 31.36 -7.12
C1B NAP F . 1.20 29.01 -6.85
N9A NAP F . 1.48 28.50 -8.18
C8A NAP F . 0.56 27.92 -9.03
N7A NAP F . 1.08 27.54 -10.17
C5A NAP F . 2.42 27.88 -10.07
C6A NAP F . 3.50 27.72 -10.96
N6A NAP F . 3.38 27.15 -12.15
N1A NAP F . 4.71 28.16 -10.54
C2A NAP F . 4.82 28.71 -9.33
N3A NAP F . 3.87 28.92 -8.42
C4A NAP F . 2.68 28.47 -8.85
O3 NAP F . -3.23 25.54 -4.03
PN NAP F . -3.27 24.62 -2.71
O1N NAP F . -2.63 25.33 -1.57
O2N NAP F . -4.67 24.12 -2.55
O5D NAP F . -2.34 23.40 -3.19
C5D NAP F . -0.93 23.40 -2.88
C4D NAP F . -0.36 22.06 -3.23
O4D NAP F . -0.97 21.05 -2.39
C3D NAP F . -0.59 21.58 -4.67
O3D NAP F . 0.52 20.81 -5.11
C2D NAP F . -1.84 20.69 -4.53
O2D NAP F . -2.01 19.74 -5.57
C1D NAP F . -1.53 20.03 -3.19
N1N NAP F . -2.70 19.47 -2.47
C2N NAP F . -3.72 20.31 -2.06
C3N NAP F . -4.82 19.76 -1.40
C7N NAP F . -5.94 20.62 -0.91
O7N NAP F . -6.93 20.09 -0.39
N7N NAP F . -5.80 21.94 -0.99
C4N NAP F . -4.89 18.40 -1.16
C5N NAP F . -3.86 17.57 -1.58
C6N NAP F . -2.77 18.12 -2.24
P2B NAP F . 0.32 31.82 -8.67
O1X NAP F . 0.42 33.31 -8.49
O2X NAP F . 1.49 31.24 -9.45
O3X NAP F . -1.01 31.40 -9.26
PA NAP G . -19.39 -18.70 5.76
O1A NAP G . -20.28 -18.97 4.59
O2A NAP G . -20.03 -18.07 6.96
O5B NAP G . -18.67 -20.07 6.23
C5B NAP G . -17.55 -20.61 5.50
C4B NAP G . -17.29 -22.01 5.96
O4B NAP G . -16.37 -22.03 7.07
C3B NAP G . -18.50 -22.86 6.42
O3B NAP G . -18.51 -24.00 5.58
C2B NAP G . -18.17 -23.23 7.86
O2B NAP G . -18.69 -24.53 8.16
C1B NAP G . -16.65 -23.18 7.83
N9A NAP G . -16.03 -23.01 9.13
C8A NAP G . -16.26 -22.01 10.04
N7A NAP G . -15.55 -22.12 11.12
C5A NAP G . -14.78 -23.25 10.92
C6A NAP G . -13.80 -23.89 11.71
N6A NAP G . -13.43 -23.46 12.91
N1A NAP G . -13.22 -25.01 11.21
C2A NAP G . -13.61 -25.44 10.00
N3A NAP G . -14.50 -24.91 9.17
C4A NAP G . -15.06 -23.82 9.69
O3 NAP G . -18.21 -17.73 5.28
PN NAP G . -17.81 -16.97 3.92
O1N NAP G . -17.93 -17.92 2.76
O2N NAP G . -18.57 -15.70 3.91
O5D NAP G . -16.28 -16.66 4.24
C5D NAP G . -15.21 -17.55 3.84
C4D NAP G . -13.91 -16.84 4.11
O4D NAP G . -13.85 -15.65 3.29
C3D NAP G . -13.70 -16.35 5.56
O3D NAP G . -12.32 -16.38 5.85
C2D NAP G . -14.15 -14.89 5.48
O2D NAP G . -13.57 -14.04 6.46
C1D NAP G . -13.59 -14.52 4.11
N1N NAP G . -14.20 -13.33 3.47
C2N NAP G . -15.55 -13.31 3.20
C3N NAP G . -16.11 -12.19 2.60
C7N NAP G . -17.58 -12.19 2.29
O7N NAP G . -18.10 -11.17 1.82
N7N NAP G . -18.24 -13.33 2.45
C4N NAP G . -15.32 -11.11 2.26
C5N NAP G . -13.96 -11.14 2.53
C6N NAP G . -13.41 -12.25 3.13
P2B NAP G . -19.05 -24.82 9.72
O1X NAP G . -19.99 -26.04 9.66
O2X NAP G . -17.75 -25.15 10.43
O3X NAP G . -19.72 -23.59 10.32
PA NAP H . 9.80 -4.62 -25.41
O1A NAP H . 10.04 -6.08 -25.65
O2A NAP H . 11.01 -3.76 -25.39
O5B NAP H . 8.80 -4.04 -26.51
C5B NAP H . 7.45 -4.49 -26.63
C4B NAP H . 6.81 -3.97 -27.90
O4B NAP H . 6.46 -2.57 -27.76
C3B NAP H . 7.60 -4.07 -29.23
O3B NAP H . 6.79 -4.86 -30.08
C2B NAP H . 7.65 -2.62 -29.74
O2B NAP H . 7.60 -2.60 -31.17
C1B NAP H . 6.43 -2.03 -29.06
N9A NAP H . 6.41 -0.58 -28.96
C8A NAP H . 7.35 0.23 -28.38
N7A NAP H . 7.04 1.50 -28.44
C5A NAP H . 5.82 1.53 -29.10
C6A NAP H . 4.97 2.59 -29.47
N6A NAP H . 5.23 3.88 -29.22
N1A NAP H . 3.82 2.28 -30.11
C2A NAP H . 3.56 1.00 -30.36
N3A NAP H . 4.28 -0.08 -30.07
C4A NAP H . 5.42 0.26 -29.42
O3 NAP H . 9.08 -4.43 -24.00
PN NAP H . 8.60 -5.45 -22.86
O1N NAP H . 7.78 -6.54 -23.48
O2N NAP H . 9.78 -5.81 -22.05
O5D NAP H . 7.66 -4.43 -22.04
C5D NAP H . 6.27 -4.35 -22.37
C4D NAP H . 5.56 -3.51 -21.33
O4D NAP H . 5.71 -4.14 -20.04
C3D NAP H . 6.06 -2.07 -21.17
O3D NAP H . 4.98 -1.24 -20.77
C2D NAP H . 7.04 -2.21 -20.00
O2D NAP H . 7.28 -1.01 -19.27
C1D NAP H . 6.26 -3.19 -19.13
N1N NAP H . 7.06 -3.93 -18.13
C2N NAP H . 8.10 -4.75 -18.53
C3N NAP H . 8.84 -5.42 -17.56
C7N NAP H . 9.95 -6.35 -17.93
O7N NAP H . 10.63 -6.86 -17.03
N7N NAP H . 10.14 -6.63 -19.22
C4N NAP H . 8.53 -5.29 -16.21
C5N NAP H . 7.49 -4.46 -15.83
C6N NAP H . 6.77 -3.78 -16.80
P2B NAP H . 8.26 -1.32 -31.92
O1X NAP H . 8.48 -1.78 -33.35
O2X NAP H . 7.24 -0.21 -31.83
O3X NAP H . 9.56 -0.98 -31.21
#